data_2XVG
#
_entry.id   2XVG
#
_cell.length_a   156.193
_cell.length_b   156.193
_cell.length_c   227.759
_cell.angle_alpha   90.00
_cell.angle_beta   90.00
_cell.angle_gamma   120.00
#
_symmetry.space_group_name_H-M   'P 63 2 2'
#
loop_
_entity.id
_entity.type
_entity.pdbx_description
1 polymer 'ALPHA XYLOSIDASE'
2 non-polymer 'CHLORIDE ION'
3 non-polymer 1,2-ETHANEDIOL
4 non-polymer 'SULFATE ION'
5 non-polymer 'NICKEL (II) ION'
6 water water
#
_entity_poly.entity_id   1
_entity_poly.type   'polypeptide(L)'
_entity_poly.pdbx_seq_one_letter_code
;MLSAHQWLRHCIIGVASVALLQACSKQTGNESSSSAKSATEQVKALAQVERTAEGVVLTLPEGTVKKLRLQVMGERIIRV
TALPGTDFGIVPESIQVVAKPATNVPFSVDQAGEKLVLKTSQVSAEVSLLDGTVSFRDAKGNVLLQEENRGTFSPVIHDP
DPVDADSYALRQEFNRGSDEGFFGLGQHQNGQVNYAGENVELTTYNLVISIPFLVSSRNYGLLWDNNSITRFGDPREAQP
LNQSLKLYDAEGKEGGLTVRYFVGDELKLTRVEADFNHQFYKQGNELENPFPEEVAGAYKNNTLRIELEGSIEAQATGKH
QFKMYNSGYAQLSLDGEVVLDRWRMNWNPWYHNFYRELNAGDKHKLKVSWKPDGGFFHLRHLDPLPANEQHELSLASETG
KAIDYYFVAGDTKDDIISGYRQLTGKSVMLPKWAYGFWQSRERYKSSDEIIQNLKEYRDRKIPIDNIVLDWSYWPEDAWG
SHDFDKQFFPDPKALVDKVHAMNAQIMISVWPKFYPTTDNYKELNAKGFMFNRNLDEKNLDWIGKGYLNAFYDPFSPEAT
AIFWKQIRDKINVHGFDAWWLDAVEPDIHSNLTFEKRKWLMTPNARGNGAEIFNAYAVPHAEGVYQGELATDGDKRSFIL
TRSGFGGIQRTGSAIWSGDIVSRWSDMKDQIAAGIGTNLAGVTNWTFDIGGFTPEDRFRHGKKGFVGSWTALDAEQVDEW
QELNTRWYQFGAFVPLYRSHGQNPYREIFNIADEGTEVYNAMVWYTKLRYYLMPYIYTLGGDTYHKDGTIMRGLVMDFPN
DRKAWDINTQYMFGPAFLVNPVYEYKARSRDVYLPAGSDWYNFYTGEKLAGGQTITADAPLARVPLFVKAGAIVPTGPLI
QHVDEGLNSPLLITVYTGANGSFDIYEDDGRSLKYQQGEWSRIPLSYDDVTGTLIIGDRVGSFTGMADERNIRVRFIAGP
TADATNFDKAAAEAVTYTGKSVSIKRPRKVVINSKLEGKPIPNPLLGLDSTRTGHHHHHH
;
_entity_poly.pdbx_strand_id   A
#
loop_
_chem_comp.id
_chem_comp.type
_chem_comp.name
_chem_comp.formula
CL non-polymer 'CHLORIDE ION' 'Cl -1'
EDO non-polymer 1,2-ETHANEDIOL 'C2 H6 O2'
NI non-polymer 'NICKEL (II) ION' 'Ni 2'
SO4 non-polymer 'SULFATE ION' 'O4 S -2'
#
# COMPACT_ATOMS: atom_id res chain seq x y z
N ALA A 45 -37.28 6.88 -29.43
CA ALA A 45 -37.49 5.96 -28.30
C ALA A 45 -36.64 6.35 -27.08
N LEU A 46 -37.18 7.23 -26.24
CA LEU A 46 -36.43 7.75 -25.10
C LEU A 46 -36.79 7.05 -23.78
N ALA A 47 -35.86 7.14 -22.83
CA ALA A 47 -36.05 6.52 -21.53
C ALA A 47 -37.08 7.24 -20.66
N GLN A 48 -37.82 6.45 -19.88
CA GLN A 48 -38.70 7.00 -18.87
C GLN A 48 -37.84 7.53 -17.72
N VAL A 49 -38.27 8.63 -17.11
CA VAL A 49 -37.53 9.19 -16.00
C VAL A 49 -38.35 9.18 -14.71
N GLU A 50 -37.79 8.56 -13.68
CA GLU A 50 -38.38 8.58 -12.35
C GLU A 50 -37.55 9.50 -11.44
N ARG A 51 -38.22 10.50 -10.87
CA ARG A 51 -37.56 11.47 -10.00
C ARG A 51 -37.49 10.93 -8.58
N THR A 52 -36.34 10.41 -8.16
CA THR A 52 -36.21 9.99 -6.76
C THR A 52 -35.79 11.15 -5.86
N ALA A 53 -35.71 10.88 -4.57
CA ALA A 53 -35.25 11.86 -3.58
C ALA A 53 -33.74 11.94 -3.55
N GLU A 54 -33.09 11.00 -4.22
CA GLU A 54 -31.63 10.95 -4.25
C GLU A 54 -31.13 11.21 -5.67
N GLY A 55 -32.05 11.40 -6.60
CA GLY A 55 -31.68 11.67 -7.98
C GLY A 55 -32.69 11.15 -8.99
N VAL A 56 -32.19 10.41 -9.97
CA VAL A 56 -33.09 9.86 -10.96
C VAL A 56 -32.87 8.36 -11.20
N VAL A 57 -33.90 7.72 -11.72
CA VAL A 57 -33.83 6.35 -12.23
C VAL A 57 -34.41 6.36 -13.63
N LEU A 58 -33.55 6.20 -14.63
CA LEU A 58 -33.95 6.12 -16.03
C LEU A 58 -34.26 4.67 -16.39
N THR A 59 -35.40 4.44 -17.04
CA THR A 59 -35.68 3.11 -17.56
C THR A 59 -35.39 3.07 -19.06
N LEU A 60 -34.32 2.38 -19.45
CA LEU A 60 -33.91 2.33 -20.86
C LEU A 60 -34.74 1.34 -21.66
N PRO A 61 -35.09 1.72 -22.91
CA PRO A 61 -35.98 0.96 -23.79
C PRO A 61 -35.34 -0.29 -24.41
N GLU A 62 -34.07 -0.22 -24.83
CA GLU A 62 -33.40 -1.35 -25.45
C GLU A 62 -31.94 -1.44 -25.03
N GLY A 63 -31.37 -2.63 -25.12
CA GLY A 63 -30.02 -2.88 -24.66
C GLY A 63 -30.04 -3.79 -23.45
N THR A 64 -28.87 -4.25 -23.03
CA THR A 64 -28.82 -5.18 -21.91
C THR A 64 -29.02 -4.48 -20.56
N VAL A 65 -28.49 -3.26 -20.43
CA VAL A 65 -28.77 -2.41 -19.29
C VAL A 65 -30.20 -1.87 -19.34
N LYS A 66 -31.01 -2.27 -18.38
CA LYS A 66 -32.43 -1.94 -18.31
C LYS A 66 -32.70 -0.68 -17.48
N LYS A 67 -31.93 -0.48 -16.42
CA LYS A 67 -32.14 0.67 -15.54
C LYS A 67 -30.84 1.37 -15.17
N LEU A 68 -30.89 2.70 -15.12
CA LEU A 68 -29.72 3.50 -14.75
C LEU A 68 -30.04 4.48 -13.63
N ARG A 69 -29.39 4.31 -12.49
CA ARG A 69 -29.66 5.15 -11.33
C ARG A 69 -28.54 6.12 -11.05
N LEU A 70 -28.92 7.35 -10.78
CA LEU A 70 -27.99 8.36 -10.30
C LEU A 70 -28.39 8.72 -8.88
N GLN A 71 -27.41 8.70 -7.99
CA GLN A 71 -27.65 9.04 -6.59
C GLN A 71 -26.69 10.14 -6.12
N VAL A 72 -27.25 11.19 -5.57
CA VAL A 72 -26.43 12.28 -5.07
C VAL A 72 -25.95 11.90 -3.67
N MET A 73 -24.63 11.69 -3.56
CA MET A 73 -24.04 11.21 -2.31
C MET A 73 -23.55 12.36 -1.46
N GLY A 74 -23.19 13.45 -2.13
CA GLY A 74 -22.74 14.66 -1.47
C GLY A 74 -22.67 15.79 -2.47
N GLU A 75 -22.10 16.92 -2.05
CA GLU A 75 -21.95 18.05 -2.94
C GLU A 75 -21.09 17.72 -4.18
N ARG A 76 -20.14 16.80 -4.03
CA ARG A 76 -19.19 16.47 -5.10
C ARG A 76 -19.16 14.99 -5.52
N ILE A 77 -20.20 14.25 -5.18
CA ILE A 77 -20.15 12.81 -5.35
C ILE A 77 -21.48 12.32 -5.85
N ILE A 78 -21.47 11.74 -7.04
CA ILE A 78 -22.66 11.10 -7.59
C ILE A 78 -22.41 9.61 -7.84
N ARG A 79 -23.32 8.76 -7.34
CA ARG A 79 -23.27 7.31 -7.55
C ARG A 79 -23.92 6.96 -8.88
N VAL A 80 -23.32 6.04 -9.62
CA VAL A 80 -23.85 5.62 -10.90
C VAL A 80 -24.02 4.11 -10.91
N THR A 81 -25.24 3.65 -11.16
CA THR A 81 -25.50 2.22 -11.12
C THR A 81 -26.25 1.75 -12.34
N ALA A 82 -25.54 1.10 -13.26
CA ALA A 82 -26.18 0.48 -14.43
C ALA A 82 -26.60 -0.96 -14.12
N LEU A 83 -27.91 -1.23 -14.22
CA LEU A 83 -28.50 -2.52 -13.82
C LEU A 83 -29.13 -3.30 -14.98
N PRO A 84 -28.67 -4.54 -15.21
CA PRO A 84 -29.29 -5.44 -16.18
C PRO A 84 -30.50 -6.17 -15.58
N GLY A 85 -31.45 -5.38 -15.10
CA GLY A 85 -32.62 -5.94 -14.41
C GLY A 85 -33.47 -4.80 -13.89
N THR A 86 -34.45 -5.10 -13.06
CA THR A 86 -35.39 -4.10 -12.61
C THR A 86 -35.38 -3.93 -11.09
N ASP A 87 -34.57 -4.74 -10.41
CA ASP A 87 -34.58 -4.74 -8.96
C ASP A 87 -33.22 -4.30 -8.39
N PHE A 88 -33.04 -3.01 -8.19
CA PHE A 88 -31.78 -2.52 -7.60
C PHE A 88 -31.48 -3.21 -6.28
N GLY A 89 -32.51 -3.74 -5.64
CA GLY A 89 -32.35 -4.51 -4.42
C GLY A 89 -31.44 -5.74 -4.53
N ILE A 90 -31.21 -6.21 -5.76
CA ILE A 90 -30.38 -7.38 -5.98
C ILE A 90 -28.91 -7.06 -5.76
N VAL A 91 -28.59 -5.77 -5.75
CA VAL A 91 -27.22 -5.32 -5.56
C VAL A 91 -26.86 -5.31 -4.08
N PRO A 92 -25.70 -5.90 -3.74
CA PRO A 92 -25.27 -6.18 -2.35
C PRO A 92 -24.95 -4.95 -1.51
N GLU A 93 -25.17 -5.04 -0.21
CA GLU A 93 -24.72 -4.02 0.72
C GLU A 93 -23.19 -3.85 0.56
N SER A 94 -22.77 -2.61 0.34
CA SER A 94 -21.37 -2.32 0.11
C SER A 94 -20.52 -2.78 1.29
N ILE A 95 -19.36 -3.36 1.00
CA ILE A 95 -18.35 -3.55 2.03
C ILE A 95 -17.51 -2.28 2.16
N GLN A 96 -17.38 -1.54 1.05
CA GLN A 96 -16.53 -0.37 0.99
C GLN A 96 -17.22 0.90 1.47
N VAL A 97 -18.42 1.16 0.95
CA VAL A 97 -19.14 2.40 1.24
C VAL A 97 -19.94 2.31 2.54
N VAL A 98 -19.72 3.26 3.44
CA VAL A 98 -20.56 3.34 4.63
C VAL A 98 -21.49 4.53 4.52
N ALA A 99 -21.38 5.25 3.41
CA ALA A 99 -22.11 6.49 3.23
C ALA A 99 -23.42 6.28 2.52
N LYS A 100 -24.47 6.86 3.08
CA LYS A 100 -25.79 6.78 2.49
C LYS A 100 -26.08 8.04 1.66
N PRO A 101 -27.03 7.91 0.71
CA PRO A 101 -27.47 9.08 -0.07
C PRO A 101 -27.78 10.28 0.82
N ALA A 102 -27.34 11.46 0.37
CA ALA A 102 -27.48 12.68 1.15
C ALA A 102 -28.92 13.19 1.18
N THR A 103 -29.25 13.78 2.31
CA THR A 103 -30.57 14.34 2.53
C THR A 103 -30.52 15.88 2.50
N ASN A 104 -29.36 16.44 2.83
CA ASN A 104 -29.21 17.89 2.96
C ASN A 104 -28.49 18.57 1.78
N VAL A 105 -28.46 17.91 0.63
CA VAL A 105 -27.77 18.44 -0.53
C VAL A 105 -28.69 18.82 -1.68
N PRO A 106 -28.82 20.12 -1.93
CA PRO A 106 -29.69 20.66 -2.98
C PRO A 106 -29.24 20.15 -4.34
N PHE A 107 -30.17 19.80 -5.21
CA PHE A 107 -29.80 19.41 -6.57
C PHE A 107 -30.97 19.66 -7.49
N SER A 108 -30.66 19.81 -8.78
CA SER A 108 -31.69 20.16 -9.76
C SER A 108 -31.77 19.09 -10.83
N VAL A 109 -32.95 18.95 -11.45
CA VAL A 109 -33.13 17.98 -12.52
C VAL A 109 -33.79 18.65 -13.69
N ASP A 110 -33.03 18.88 -14.76
CA ASP A 110 -33.58 19.50 -15.96
C ASP A 110 -33.55 18.51 -17.12
N GLN A 111 -34.58 18.57 -17.93
CA GLN A 111 -34.78 17.59 -18.98
C GLN A 111 -35.24 18.32 -20.23
N ALA A 112 -34.58 18.04 -21.36
CA ALA A 112 -34.97 18.65 -22.63
C ALA A 112 -34.33 17.92 -23.81
N GLY A 113 -35.15 17.55 -24.79
CA GLY A 113 -34.68 16.81 -25.93
C GLY A 113 -34.11 15.46 -25.54
N GLU A 114 -32.85 15.22 -25.91
CA GLU A 114 -32.23 13.92 -25.74
C GLU A 114 -31.28 13.84 -24.54
N LYS A 115 -31.22 14.90 -23.74
CA LYS A 115 -30.31 14.95 -22.59
C LYS A 115 -31.08 15.27 -21.30
N LEU A 116 -30.55 14.79 -20.19
CA LEU A 116 -31.16 14.96 -18.87
C LEU A 116 -30.08 15.39 -17.90
N VAL A 117 -30.17 16.62 -17.42
CA VAL A 117 -29.13 17.13 -16.54
C VAL A 117 -29.51 17.04 -15.08
N LEU A 118 -28.58 16.54 -14.28
CA LEU A 118 -28.71 16.44 -12.83
C LEU A 118 -27.50 17.14 -12.27
N LYS A 119 -27.69 18.23 -11.55
CA LYS A 119 -26.52 18.95 -11.04
C LYS A 119 -26.59 19.44 -9.58
N THR A 120 -25.41 19.48 -8.96
CA THR A 120 -25.22 20.16 -7.68
C THR A 120 -24.42 21.45 -7.83
N SER A 121 -24.00 22.01 -6.70
CA SER A 121 -23.22 23.25 -6.73
C SER A 121 -21.82 23.01 -7.27
N GLN A 122 -21.41 21.74 -7.31
CA GLN A 122 -20.03 21.38 -7.61
C GLN A 122 -19.88 20.39 -8.77
N VAL A 123 -20.97 19.74 -9.16
CA VAL A 123 -20.90 18.66 -10.15
C VAL A 123 -22.16 18.60 -10.98
N SER A 124 -22.02 18.30 -12.27
CA SER A 124 -23.20 18.07 -13.12
C SER A 124 -23.04 16.82 -13.98
N ALA A 125 -24.10 16.02 -14.01
CA ALA A 125 -24.08 14.81 -14.79
C ALA A 125 -25.09 14.93 -15.91
N GLU A 126 -24.62 14.74 -17.14
CA GLU A 126 -25.47 14.80 -18.32
C GLU A 126 -25.63 13.44 -18.94
N VAL A 127 -26.84 12.89 -18.83
CA VAL A 127 -27.14 11.55 -19.36
C VAL A 127 -27.92 11.60 -20.66
N SER A 128 -27.56 10.74 -21.61
CA SER A 128 -28.34 10.63 -22.84
C SER A 128 -29.54 9.73 -22.62
N LEU A 129 -30.69 10.19 -23.10
CA LEU A 129 -31.92 9.43 -22.98
C LEU A 129 -31.99 8.36 -24.08
N LEU A 130 -30.95 8.32 -24.91
CA LEU A 130 -30.88 7.38 -26.03
C LEU A 130 -30.26 6.02 -25.68
N ASP A 131 -29.04 6.04 -25.14
CA ASP A 131 -28.35 4.80 -24.78
C ASP A 131 -28.11 4.68 -23.26
N GLY A 132 -28.02 5.80 -22.57
CA GLY A 132 -27.88 5.82 -21.13
C GLY A 132 -26.52 6.31 -20.68
N THR A 133 -25.74 6.85 -21.61
CA THR A 133 -24.37 7.29 -21.30
C THR A 133 -24.31 8.59 -20.50
N VAL A 134 -23.49 8.60 -19.46
CA VAL A 134 -23.37 9.71 -18.54
C VAL A 134 -22.14 10.57 -18.85
N SER A 135 -22.28 11.88 -18.67
CA SER A 135 -21.20 12.82 -18.96
C SER A 135 -21.01 13.83 -17.81
N PHE A 136 -19.84 13.82 -17.16
CA PHE A 136 -19.62 14.67 -16.00
C PHE A 136 -18.83 15.92 -16.35
N ARG A 137 -19.43 17.08 -16.12
CA ARG A 137 -18.75 18.37 -16.26
C ARG A 137 -18.64 19.05 -14.89
N ASP A 138 -17.61 19.86 -14.70
CA ASP A 138 -17.43 20.58 -13.43
C ASP A 138 -18.54 21.63 -13.24
N ALA A 139 -18.39 22.45 -12.20
CA ALA A 139 -19.34 23.53 -11.97
C ALA A 139 -19.16 24.68 -12.98
N LYS A 140 -18.14 24.58 -13.84
CA LYS A 140 -17.85 25.64 -14.80
C LYS A 140 -17.87 25.20 -16.28
N GLY A 141 -18.50 24.07 -16.58
CA GLY A 141 -18.75 23.67 -17.96
C GLY A 141 -17.64 22.99 -18.75
N ASN A 142 -16.88 22.11 -18.09
CA ASN A 142 -15.83 21.35 -18.76
C ASN A 142 -16.03 19.84 -18.65
N VAL A 143 -15.80 19.11 -19.73
CA VAL A 143 -15.90 17.66 -19.71
C VAL A 143 -14.80 16.98 -18.88
N LEU A 144 -15.18 16.40 -17.75
CA LEU A 144 -14.22 15.67 -16.96
C LEU A 144 -14.23 14.19 -17.33
N LEU A 145 -15.41 13.59 -17.44
CA LEU A 145 -15.50 12.16 -17.67
C LEU A 145 -16.66 11.82 -18.57
N GLN A 146 -16.35 11.26 -19.74
CA GLN A 146 -17.37 10.80 -20.69
C GLN A 146 -17.40 9.27 -20.73
N GLU A 147 -18.59 8.71 -20.57
CA GLU A 147 -18.77 7.28 -20.78
C GLU A 147 -18.78 7.04 -22.28
N GLU A 148 -18.22 5.91 -22.72
CA GLU A 148 -18.28 5.56 -24.13
C GLU A 148 -19.61 4.87 -24.47
N ASN A 149 -19.72 3.61 -24.09
CA ASN A 149 -20.96 2.86 -24.21
C ASN A 149 -21.68 2.77 -22.86
N ARG A 150 -22.63 1.85 -22.72
CA ARG A 150 -23.34 1.69 -21.46
C ARG A 150 -22.78 0.50 -20.67
N GLY A 151 -21.68 -0.07 -21.14
CA GLY A 151 -21.06 -1.19 -20.46
C GLY A 151 -21.15 -2.49 -21.24
N THR A 152 -20.38 -3.47 -20.79
CA THR A 152 -20.34 -4.77 -21.44
C THR A 152 -20.52 -5.87 -20.39
N PHE A 153 -21.72 -6.43 -20.34
CA PHE A 153 -22.00 -7.56 -19.47
C PHE A 153 -21.79 -8.84 -20.26
N SER A 154 -21.39 -9.90 -19.55
CA SER A 154 -21.03 -11.17 -20.17
C SER A 154 -20.87 -12.20 -19.06
N PRO A 155 -20.81 -13.49 -19.42
CA PRO A 155 -20.73 -14.54 -18.41
C PRO A 155 -19.49 -14.47 -17.53
N VAL A 156 -19.66 -14.84 -16.26
CA VAL A 156 -18.58 -14.97 -15.29
C VAL A 156 -17.80 -16.24 -15.61
N ILE A 157 -16.50 -16.08 -15.83
CA ILE A 157 -15.66 -17.20 -16.22
C ILE A 157 -14.75 -17.66 -15.09
N HIS A 158 -14.04 -16.71 -14.49
CA HIS A 158 -13.04 -17.01 -13.49
C HIS A 158 -13.59 -17.21 -12.08
N ASP A 159 -14.64 -18.03 -11.96
CA ASP A 159 -15.19 -18.44 -10.68
C ASP A 159 -15.40 -19.97 -10.67
N PRO A 160 -14.66 -20.67 -9.79
CA PRO A 160 -14.66 -22.14 -9.71
C PRO A 160 -15.94 -22.68 -9.11
N ASP A 161 -16.76 -21.78 -8.59
CA ASP A 161 -17.95 -22.16 -7.85
C ASP A 161 -19.20 -21.86 -8.66
N PRO A 162 -20.31 -22.56 -8.36
CA PRO A 162 -21.59 -22.31 -9.04
C PRO A 162 -22.01 -20.84 -8.98
N VAL A 163 -22.30 -20.27 -10.13
CA VAL A 163 -22.56 -18.83 -10.25
C VAL A 163 -24.04 -18.43 -10.14
N ASP A 164 -24.30 -17.34 -9.43
CA ASP A 164 -25.66 -16.78 -9.35
C ASP A 164 -26.19 -16.48 -10.76
N ALA A 165 -27.46 -16.76 -10.99
CA ALA A 165 -28.08 -16.52 -12.30
C ALA A 165 -27.98 -15.05 -12.75
N ASP A 166 -27.86 -14.15 -11.79
CA ASP A 166 -27.88 -12.73 -12.11
C ASP A 166 -26.54 -12.04 -11.84
N SER A 167 -25.47 -12.83 -11.85
CA SER A 167 -24.11 -12.32 -11.79
C SER A 167 -23.45 -12.35 -13.18
N TYR A 168 -22.53 -11.42 -13.41
CA TYR A 168 -21.93 -11.23 -14.73
C TYR A 168 -20.52 -10.64 -14.64
N ALA A 169 -19.77 -10.76 -15.72
CA ALA A 169 -18.50 -10.05 -15.82
C ALA A 169 -18.82 -8.61 -16.20
N LEU A 170 -18.33 -7.66 -15.41
CA LEU A 170 -18.57 -6.23 -15.62
C LEU A 170 -17.47 -5.61 -16.47
N ARG A 171 -17.82 -4.56 -17.21
CA ARG A 171 -16.82 -3.70 -17.85
C ARG A 171 -17.36 -2.35 -18.32
N GLN A 172 -16.79 -1.27 -17.81
CA GLN A 172 -17.16 0.07 -18.22
C GLN A 172 -15.95 0.79 -18.86
N GLU A 173 -16.23 1.58 -19.89
CA GLU A 173 -15.19 2.30 -20.61
C GLU A 173 -15.45 3.81 -20.57
N PHE A 174 -14.37 4.59 -20.61
CA PHE A 174 -14.45 6.04 -20.48
C PHE A 174 -13.37 6.73 -21.29
N ASN A 175 -13.64 7.99 -21.65
CA ASN A 175 -12.63 8.90 -22.18
C ASN A 175 -11.64 8.30 -23.17
N ARG A 176 -12.13 7.88 -24.34
CA ARG A 176 -11.22 7.46 -25.41
C ARG A 176 -10.43 8.67 -25.92
N GLY A 177 -9.18 8.43 -26.33
CA GLY A 177 -8.31 9.48 -26.81
C GLY A 177 -7.91 10.51 -25.77
N SER A 178 -7.94 10.11 -24.50
CA SER A 178 -7.62 11.01 -23.40
C SER A 178 -6.11 11.18 -23.26
N ASP A 179 -5.69 12.36 -22.82
CA ASP A 179 -4.28 12.58 -22.51
C ASP A 179 -4.08 12.44 -20.99
N GLU A 180 -5.17 12.12 -20.29
CA GLU A 180 -5.19 11.98 -18.83
C GLU A 180 -4.02 11.24 -18.21
N GLY A 181 -3.68 11.67 -17.00
CA GLY A 181 -2.82 10.89 -16.14
C GLY A 181 -3.75 10.13 -15.21
N PHE A 182 -3.30 8.96 -14.75
CA PHE A 182 -4.10 8.18 -13.81
C PHE A 182 -3.30 7.72 -12.61
N PHE A 183 -3.88 7.84 -11.43
CA PHE A 183 -3.13 7.49 -10.22
C PHE A 183 -3.97 6.71 -9.23
N GLY A 184 -3.31 6.21 -8.18
CA GLY A 184 -3.97 5.51 -7.08
C GLY A 184 -4.07 4.02 -7.28
N LEU A 185 -5.25 3.49 -7.02
CA LEU A 185 -5.55 2.08 -7.28
C LEU A 185 -4.99 1.10 -6.23
N GLY A 186 -4.09 1.58 -5.38
CA GLY A 186 -3.56 0.74 -4.33
C GLY A 186 -2.09 0.40 -4.42
N GLN A 187 -1.67 -0.56 -3.59
CA GLN A 187 -0.28 -0.95 -3.54
C GLN A 187 0.05 -1.98 -4.61
N HIS A 188 0.87 -1.57 -5.58
CA HIS A 188 1.30 -2.47 -6.63
C HIS A 188 2.82 -2.51 -6.78
N GLN A 189 3.30 -3.56 -7.42
CA GLN A 189 4.70 -3.92 -7.34
C GLN A 189 5.40 -3.88 -8.70
N ASN A 190 4.93 -3.03 -9.61
CA ASN A 190 5.55 -2.95 -10.94
C ASN A 190 5.98 -1.53 -11.31
N GLY A 191 6.05 -0.67 -10.32
CA GLY A 191 6.73 0.61 -10.47
C GLY A 191 5.90 1.71 -11.09
N GLN A 192 4.62 1.41 -11.35
CA GLN A 192 3.74 2.39 -11.97
C GLN A 192 3.22 3.43 -10.96
N VAL A 193 3.27 4.71 -11.37
CA VAL A 193 2.65 5.80 -10.61
C VAL A 193 1.52 6.40 -11.44
N ASN A 194 1.86 6.82 -12.65
CA ASN A 194 0.87 7.14 -13.67
C ASN A 194 0.52 5.86 -14.44
N TYR A 195 -0.70 5.37 -14.27
CA TYR A 195 -1.13 4.12 -14.91
C TYR A 195 -1.64 4.31 -16.32
N ALA A 196 -1.65 5.55 -16.79
CA ALA A 196 -2.23 5.81 -18.11
C ALA A 196 -1.51 4.99 -19.18
N GLY A 197 -2.29 4.22 -19.94
CA GLY A 197 -1.78 3.49 -21.09
C GLY A 197 -1.29 2.10 -20.77
N GLU A 198 -1.48 1.66 -19.54
CA GLU A 198 -0.96 0.35 -19.10
C GLU A 198 -2.03 -0.43 -18.32
N ASN A 199 -1.73 -1.68 -17.96
CA ASN A 199 -2.70 -2.45 -17.18
C ASN A 199 -2.34 -2.57 -15.70
N VAL A 200 -3.37 -2.59 -14.87
CA VAL A 200 -3.21 -3.00 -13.47
C VAL A 200 -4.16 -4.17 -13.17
N GLU A 201 -3.65 -5.21 -12.52
CA GLU A 201 -4.57 -6.21 -12.01
C GLU A 201 -4.81 -5.92 -10.54
N LEU A 202 -6.06 -5.61 -10.21
CA LEU A 202 -6.43 -5.32 -8.84
C LEU A 202 -6.94 -6.59 -8.16
N THR A 203 -5.99 -7.48 -7.92
CA THR A 203 -6.21 -8.72 -7.20
C THR A 203 -5.73 -8.51 -5.76
N THR A 204 -5.77 -9.56 -4.96
CA THR A 204 -5.31 -9.48 -3.58
C THR A 204 -4.21 -10.51 -3.35
N TYR A 205 -3.06 -10.05 -2.88
CA TYR A 205 -1.91 -10.93 -2.63
C TYR A 205 -1.11 -10.49 -1.44
N ASN A 206 -0.16 -11.33 -1.06
CA ASN A 206 0.82 -10.99 -0.05
C ASN A 206 1.39 -9.60 -0.37
N LEU A 207 1.77 -9.42 -1.64
CA LEU A 207 2.48 -8.23 -2.06
C LEU A 207 1.59 -7.18 -2.68
N VAL A 208 0.32 -7.51 -2.88
CA VAL A 208 -0.54 -6.60 -3.60
C VAL A 208 -1.81 -6.30 -2.85
N ILE A 209 -2.21 -5.04 -2.89
CA ILE A 209 -3.42 -4.61 -2.22
C ILE A 209 -4.26 -3.77 -3.15
N SER A 210 -5.45 -4.23 -3.47
CA SER A 210 -6.29 -3.42 -4.35
C SER A 210 -7.14 -2.45 -3.54
N ILE A 211 -7.07 -1.18 -3.93
CA ILE A 211 -8.04 -0.19 -3.51
C ILE A 211 -8.57 0.48 -4.78
N PRO A 212 -9.78 0.09 -5.20
CA PRO A 212 -10.29 0.51 -6.51
C PRO A 212 -10.62 2.00 -6.52
N PHE A 213 -9.70 2.86 -6.11
CA PHE A 213 -9.97 4.30 -6.20
C PHE A 213 -8.99 4.94 -7.17
N LEU A 214 -9.54 5.49 -8.25
CA LEU A 214 -8.77 6.01 -9.36
C LEU A 214 -8.79 7.52 -9.37
N VAL A 215 -7.61 8.14 -9.38
CA VAL A 215 -7.52 9.60 -9.42
C VAL A 215 -7.01 10.08 -10.77
N SER A 216 -7.56 11.18 -11.25
CA SER A 216 -7.18 11.69 -12.57
C SER A 216 -6.34 12.97 -12.52
N SER A 217 -5.54 13.16 -13.57
CA SER A 217 -4.84 14.41 -13.75
C SER A 217 -5.88 15.52 -13.73
N ARG A 218 -7.06 15.22 -14.28
CA ARG A 218 -8.18 16.19 -14.29
C ARG A 218 -8.84 16.29 -12.91
N ASN A 219 -9.86 17.12 -12.78
CA ASN A 219 -10.41 17.37 -11.45
C ASN A 219 -11.46 16.38 -10.98
N TYR A 220 -11.07 15.11 -10.89
CA TYR A 220 -12.01 14.06 -10.49
C TYR A 220 -11.34 12.71 -10.26
N GLY A 221 -12.04 11.85 -9.54
CA GLY A 221 -11.66 10.47 -9.37
C GLY A 221 -12.93 9.66 -9.18
N LEU A 222 -12.84 8.34 -9.29
CA LEU A 222 -14.00 7.49 -9.04
C LEU A 222 -13.71 6.26 -8.19
N LEU A 223 -14.73 5.83 -7.45
CA LEU A 223 -14.62 4.62 -6.63
C LEU A 223 -15.38 3.50 -7.32
N TRP A 224 -14.66 2.45 -7.72
CA TRP A 224 -15.26 1.28 -8.39
C TRP A 224 -15.66 0.26 -7.33
N ASP A 225 -16.96 0.22 -7.04
CA ASP A 225 -17.45 -0.50 -5.86
C ASP A 225 -17.81 -1.91 -6.21
N ASN A 226 -16.79 -2.72 -6.44
CA ASN A 226 -16.91 -4.14 -6.70
C ASN A 226 -15.93 -4.88 -5.78
N ASN A 227 -16.34 -6.01 -5.23
CA ASN A 227 -15.48 -6.70 -4.28
C ASN A 227 -14.63 -7.79 -4.92
N SER A 228 -14.92 -8.12 -6.18
CA SER A 228 -14.23 -9.22 -6.86
C SER A 228 -12.97 -8.71 -7.52
N ILE A 229 -12.18 -9.60 -8.11
CA ILE A 229 -10.98 -9.19 -8.83
C ILE A 229 -11.31 -8.25 -9.99
N THR A 230 -10.62 -7.12 -10.03
CA THR A 230 -10.87 -6.07 -10.99
C THR A 230 -9.61 -5.71 -11.80
N ARG A 231 -9.82 -5.26 -13.03
CA ARG A 231 -8.71 -5.02 -13.96
C ARG A 231 -8.77 -3.64 -14.62
N PHE A 232 -7.70 -2.87 -14.45
CA PHE A 232 -7.56 -1.56 -15.10
C PHE A 232 -6.74 -1.71 -16.35
N GLY A 233 -7.22 -1.09 -17.42
CA GLY A 233 -6.63 -1.26 -18.72
C GLY A 233 -7.24 -2.48 -19.39
N ASP A 234 -6.37 -3.34 -19.90
CA ASP A 234 -6.81 -4.55 -20.57
C ASP A 234 -7.78 -5.29 -19.66
N PRO A 235 -8.97 -5.62 -20.18
CA PRO A 235 -9.97 -6.37 -19.42
C PRO A 235 -9.54 -7.82 -19.14
N ARG A 236 -8.73 -8.38 -20.03
CA ARG A 236 -8.37 -9.80 -20.00
C ARG A 236 -7.31 -10.14 -18.94
N GLU A 237 -7.24 -11.42 -18.58
CA GLU A 237 -6.17 -11.91 -17.72
C GLU A 237 -5.01 -12.27 -18.63
N ALA A 238 -3.80 -11.84 -18.24
CA ALA A 238 -2.61 -12.12 -19.03
C ALA A 238 -2.55 -13.60 -19.29
N GLN A 239 -2.59 -13.96 -20.55
CA GLN A 239 -2.61 -15.35 -20.97
C GLN A 239 -1.19 -15.90 -20.97
N PRO A 240 -1.04 -17.22 -21.19
CA PRO A 240 0.29 -17.81 -21.41
C PRO A 240 1.00 -17.16 -22.59
N LEU A 241 2.33 -17.34 -22.63
CA LEU A 241 3.12 -16.75 -23.70
C LEU A 241 2.56 -17.14 -25.05
N ASN A 242 2.19 -18.41 -25.18
CA ASN A 242 1.89 -19.01 -26.49
C ASN A 242 0.52 -18.70 -27.11
N GLN A 243 -0.28 -17.85 -26.48
CA GLN A 243 -1.65 -17.66 -26.94
C GLN A 243 -1.82 -16.56 -28.00
N SER A 244 -0.91 -15.59 -28.01
CA SER A 244 -0.98 -14.51 -28.98
C SER A 244 0.38 -14.27 -29.61
N LEU A 245 1.25 -15.26 -29.48
CA LEU A 245 2.56 -15.22 -30.10
C LEU A 245 2.81 -16.58 -30.73
N LYS A 246 3.62 -16.63 -31.78
CA LYS A 246 4.08 -17.90 -32.31
C LYS A 246 5.49 -18.14 -31.75
N LEU A 247 5.78 -19.39 -31.39
CA LEU A 247 7.05 -19.70 -30.74
C LEU A 247 7.98 -20.53 -31.61
N TYR A 248 9.26 -20.17 -31.57
CA TYR A 248 10.31 -20.89 -32.29
C TYR A 248 11.37 -21.33 -31.29
N ASP A 249 11.84 -22.57 -31.39
CA ASP A 249 12.83 -23.07 -30.44
C ASP A 249 14.23 -22.53 -30.73
N ALA A 250 15.26 -23.31 -30.41
CA ALA A 250 16.64 -22.88 -30.58
C ALA A 250 17.06 -22.78 -32.06
N GLU A 251 16.54 -23.69 -32.89
CA GLU A 251 16.84 -23.68 -34.33
C GLU A 251 15.90 -22.72 -35.09
N GLY A 252 14.63 -22.73 -34.71
CA GLY A 252 13.64 -21.88 -35.32
C GLY A 252 12.40 -22.66 -35.72
N LYS A 253 12.22 -23.81 -35.06
CA LYS A 253 11.12 -24.72 -35.36
C LYS A 253 9.78 -24.27 -34.75
N GLU A 254 8.86 -23.86 -35.62
CA GLU A 254 7.56 -23.34 -35.20
C GLU A 254 6.74 -24.42 -34.48
N GLY A 256 6.90 -24.43 -29.62
CA GLY A 256 7.20 -23.74 -28.39
C GLY A 256 8.70 -23.57 -28.16
N LEU A 257 9.06 -23.07 -26.97
CA LEU A 257 10.46 -22.81 -26.63
C LEU A 257 11.28 -24.06 -26.33
N THR A 258 12.60 -23.91 -26.46
CA THR A 258 13.56 -24.94 -26.05
C THR A 258 13.83 -24.82 -24.57
N VAL A 259 13.51 -25.87 -23.81
CA VAL A 259 13.69 -25.86 -22.36
C VAL A 259 14.80 -26.83 -21.92
N ARG A 260 15.98 -26.28 -21.62
CA ARG A 260 17.11 -27.11 -21.18
C ARG A 260 17.11 -27.29 -19.67
N TYR A 261 17.35 -28.51 -19.20
CA TYR A 261 17.39 -28.79 -17.76
C TYR A 261 18.80 -29.11 -17.28
N PHE A 262 19.27 -28.37 -16.28
CA PHE A 262 20.61 -28.57 -15.74
C PHE A 262 20.57 -29.02 -14.27
N VAL A 263 21.51 -29.87 -13.88
CA VAL A 263 21.74 -30.17 -12.48
C VAL A 263 23.14 -29.65 -12.14
N GLY A 264 23.19 -28.43 -11.62
CA GLY A 264 24.46 -27.74 -11.44
C GLY A 264 24.88 -27.06 -12.74
N ASP A 265 25.94 -27.59 -13.35
CA ASP A 265 26.39 -27.07 -14.63
C ASP A 265 26.22 -28.12 -15.73
N GLU A 266 25.78 -29.29 -15.31
CA GLU A 266 25.65 -30.43 -16.21
C GLU A 266 24.29 -30.47 -16.93
N LEU A 267 24.34 -30.62 -18.25
CA LEU A 267 23.13 -30.72 -19.08
C LEU A 267 22.52 -32.12 -19.02
N LYS A 268 21.24 -32.18 -18.63
CA LYS A 268 20.56 -33.44 -18.29
C LYS A 268 19.37 -33.80 -19.18
N LEU A 269 18.82 -32.81 -19.89
CA LEU A 269 17.69 -33.04 -20.79
C LEU A 269 17.46 -31.81 -21.65
N THR A 270 16.88 -32.00 -22.84
CA THR A 270 16.54 -30.87 -23.71
C THR A 270 15.33 -31.23 -24.57
N ARG A 271 14.15 -30.81 -24.17
CA ARG A 271 12.95 -30.96 -25.00
C ARG A 271 12.36 -29.59 -25.37
N VAL A 272 11.20 -29.57 -26.00
CA VAL A 272 10.53 -28.29 -26.29
C VAL A 272 9.09 -28.30 -25.81
N GLU A 273 8.66 -27.18 -25.23
CA GLU A 273 7.32 -27.10 -24.66
C GLU A 273 6.67 -25.80 -25.08
N ALA A 274 5.36 -25.83 -25.29
CA ALA A 274 4.64 -24.60 -25.62
C ALA A 274 4.59 -23.70 -24.39
N ASP A 275 3.86 -24.16 -23.37
CA ASP A 275 3.72 -23.39 -22.16
C ASP A 275 4.55 -24.00 -21.04
N PHE A 276 5.76 -23.47 -20.86
CA PHE A 276 6.57 -23.84 -19.71
C PHE A 276 5.89 -23.29 -18.47
N ASN A 277 5.38 -24.18 -17.63
CA ASN A 277 4.56 -23.74 -16.51
C ASN A 277 4.75 -24.52 -15.23
N HIS A 278 5.38 -23.87 -14.26
CA HIS A 278 5.44 -24.40 -12.89
C HIS A 278 5.08 -23.27 -11.93
N GLN A 279 3.86 -22.78 -12.08
CA GLN A 279 3.40 -21.61 -11.34
C GLN A 279 2.82 -21.98 -9.99
N PHE A 280 2.14 -23.12 -9.93
CA PHE A 280 1.38 -23.43 -8.71
C PHE A 280 1.53 -24.85 -8.16
N TYR A 281 1.28 -24.97 -6.85
CA TYR A 281 1.01 -26.24 -6.18
C TYR A 281 -0.47 -26.58 -6.37
N LYS A 282 -0.78 -27.86 -6.58
CA LYS A 282 -2.18 -28.29 -6.62
C LYS A 282 -2.67 -28.56 -5.19
N GLN A 283 -1.75 -29.11 -4.37
CA GLN A 283 -2.11 -29.76 -3.12
C GLN A 283 -1.36 -29.20 -1.92
N GLY A 284 -0.09 -29.56 -1.77
CA GLY A 284 0.56 -29.28 -0.50
C GLY A 284 1.93 -28.70 -0.70
N ASN A 285 2.79 -29.50 -1.31
CA ASN A 285 4.12 -29.07 -1.73
C ASN A 285 4.33 -29.70 -3.09
N GLU A 286 3.22 -30.20 -3.65
CA GLU A 286 3.23 -30.86 -4.93
C GLU A 286 2.91 -29.87 -6.04
N LEU A 287 3.86 -29.67 -6.95
CA LEU A 287 3.67 -28.81 -8.11
C LEU A 287 2.43 -29.23 -8.87
N GLU A 288 1.86 -28.29 -9.60
CA GLU A 288 0.69 -28.57 -10.40
C GLU A 288 1.14 -29.38 -11.60
N ASN A 289 2.17 -28.87 -12.27
CA ASN A 289 2.87 -29.61 -13.30
C ASN A 289 4.21 -30.02 -12.69
N PRO A 290 4.47 -31.34 -12.61
CA PRO A 290 5.72 -31.79 -11.99
C PRO A 290 6.91 -31.71 -12.93
N PHE A 291 8.10 -31.75 -12.35
CA PHE A 291 9.36 -31.71 -13.10
C PHE A 291 9.71 -33.10 -13.61
N PRO A 292 10.33 -33.17 -14.79
CA PRO A 292 10.69 -34.43 -15.45
C PRO A 292 11.34 -35.43 -14.50
N GLU A 293 11.14 -36.71 -14.81
CA GLU A 293 11.72 -37.82 -14.07
C GLU A 293 13.20 -37.56 -13.76
N GLU A 294 13.94 -37.18 -14.80
CA GLU A 294 15.40 -37.02 -14.70
C GLU A 294 15.88 -36.08 -13.60
N VAL A 295 15.22 -34.93 -13.44
CA VAL A 295 15.71 -33.91 -12.51
C VAL A 295 14.71 -33.57 -11.41
N ALA A 296 13.71 -34.40 -11.23
CA ALA A 296 12.71 -34.18 -10.17
C ALA A 296 13.40 -34.01 -8.83
N GLY A 297 14.57 -34.60 -8.69
CA GLY A 297 15.34 -34.54 -7.46
C GLY A 297 16.09 -33.24 -7.29
N ALA A 298 16.66 -32.74 -8.38
CA ALA A 298 17.45 -31.51 -8.34
C ALA A 298 16.63 -30.30 -7.89
N TYR A 299 15.32 -30.36 -8.06
CA TYR A 299 14.44 -29.28 -7.67
C TYR A 299 14.40 -29.15 -6.15
N LYS A 300 14.29 -30.28 -5.47
CA LYS A 300 14.19 -30.29 -4.01
C LYS A 300 15.49 -29.92 -3.32
N ASN A 301 16.63 -30.27 -3.93
CA ASN A 301 17.95 -30.02 -3.32
C ASN A 301 18.64 -28.71 -3.74
N ASN A 302 18.04 -27.97 -4.65
CA ASN A 302 18.50 -26.63 -5.06
C ASN A 302 19.70 -26.61 -6.02
N THR A 303 19.87 -27.67 -6.80
CA THR A 303 20.94 -27.74 -7.80
C THR A 303 20.38 -27.65 -9.21
N LEU A 304 19.10 -27.96 -9.33
CA LEU A 304 18.37 -27.73 -10.56
C LEU A 304 18.58 -26.29 -11.05
N ARG A 305 18.85 -26.14 -12.34
CA ARG A 305 18.84 -24.82 -12.97
C ARG A 305 18.34 -24.98 -14.39
N ILE A 306 17.90 -23.89 -14.99
CA ILE A 306 17.24 -23.98 -16.29
C ILE A 306 17.56 -22.80 -17.21
N GLU A 307 17.29 -23.01 -18.50
CA GLU A 307 17.41 -21.97 -19.51
C GLU A 307 16.29 -22.17 -20.52
N LEU A 308 15.69 -21.07 -20.96
CA LEU A 308 14.77 -21.14 -22.09
C LEU A 308 15.44 -20.43 -23.26
N GLU A 309 15.18 -20.91 -24.47
CA GLU A 309 15.74 -20.29 -25.67
C GLU A 309 14.85 -20.48 -26.89
N GLY A 310 14.64 -19.38 -27.61
CA GLY A 310 13.81 -19.41 -28.79
C GLY A 310 13.56 -18.02 -29.31
N SER A 311 12.40 -17.85 -29.95
CA SER A 311 12.01 -16.59 -30.57
C SER A 311 10.49 -16.39 -30.53
N ILE A 312 10.08 -15.14 -30.35
CA ILE A 312 8.64 -14.82 -30.31
C ILE A 312 8.27 -13.87 -31.44
N GLU A 313 7.21 -14.21 -32.15
CA GLU A 313 6.68 -13.33 -33.18
C GLU A 313 5.26 -12.92 -32.81
N ALA A 314 5.11 -11.68 -32.38
CA ALA A 314 3.77 -11.13 -32.21
C ALA A 314 3.07 -11.21 -33.57
N GLN A 315 1.74 -11.19 -33.54
CA GLN A 315 0.99 -11.27 -34.79
C GLN A 315 0.20 -9.98 -35.00
N ALA A 316 0.20 -9.12 -33.98
CA ALA A 316 -0.45 -7.81 -34.07
C ALA A 316 0.54 -6.68 -33.79
N THR A 317 0.29 -5.50 -34.36
CA THR A 317 1.17 -4.35 -34.18
C THR A 317 0.69 -3.42 -33.07
N GLY A 318 1.56 -3.13 -32.11
CA GLY A 318 1.21 -2.25 -31.02
C GLY A 318 2.04 -2.55 -29.79
N LYS A 319 1.56 -2.13 -28.63
CA LYS A 319 2.29 -2.35 -27.39
C LYS A 319 1.88 -3.66 -26.71
N HIS A 320 2.84 -4.54 -26.48
CA HIS A 320 2.59 -5.79 -25.80
C HIS A 320 3.02 -5.70 -24.34
N GLN A 321 2.31 -6.42 -23.46
CA GLN A 321 2.75 -6.56 -22.07
C GLN A 321 3.39 -7.93 -21.83
N PHE A 322 4.45 -7.96 -21.03
CA PHE A 322 5.07 -9.21 -20.64
C PHE A 322 5.18 -9.33 -19.11
N LYS A 323 4.96 -10.54 -18.60
CA LYS A 323 4.97 -10.78 -17.17
C LYS A 323 5.76 -12.04 -16.86
N MET A 324 6.84 -11.89 -16.09
CA MET A 324 7.57 -13.05 -15.66
C MET A 324 7.28 -13.36 -14.19
N TYR A 325 6.49 -14.39 -13.97
CA TYR A 325 6.09 -14.78 -12.63
C TYR A 325 7.14 -15.73 -12.11
N ASN A 326 7.83 -15.38 -11.01
CA ASN A 326 8.91 -16.25 -10.54
C ASN A 326 9.34 -16.19 -9.07
N SER A 327 9.94 -17.29 -8.61
CA SER A 327 10.78 -17.31 -7.40
C SER A 327 12.22 -17.55 -7.84
N GLY A 328 13.11 -17.73 -6.87
CA GLY A 328 14.51 -17.99 -7.18
C GLY A 328 15.08 -16.94 -8.09
N TYR A 329 16.27 -17.19 -8.65
CA TYR A 329 16.90 -16.24 -9.55
C TYR A 329 16.38 -16.40 -10.96
N ALA A 330 15.92 -15.29 -11.54
CA ALA A 330 15.44 -15.30 -12.91
C ALA A 330 15.97 -14.10 -13.65
N GLN A 331 16.44 -14.34 -14.87
CA GLN A 331 16.84 -13.27 -15.76
C GLN A 331 16.26 -13.53 -17.14
N LEU A 332 15.41 -12.62 -17.60
CA LEU A 332 14.92 -12.70 -18.97
C LEU A 332 15.75 -11.78 -19.84
N SER A 333 16.14 -12.29 -21.00
CA SER A 333 16.97 -11.56 -21.93
C SER A 333 16.23 -11.45 -23.26
N LEU A 334 16.24 -10.25 -23.84
CA LEU A 334 15.59 -10.03 -25.13
C LEU A 334 16.50 -9.30 -26.10
N ASP A 335 16.74 -9.91 -27.26
CA ASP A 335 17.53 -9.30 -28.33
C ASP A 335 18.98 -9.04 -27.90
N GLY A 336 19.56 -10.01 -27.21
CA GLY A 336 20.94 -9.90 -26.76
C GLY A 336 21.14 -8.80 -25.74
N GLU A 337 20.09 -8.49 -24.99
CA GLU A 337 20.18 -7.47 -23.95
C GLU A 337 19.20 -7.76 -22.81
N VAL A 338 19.65 -7.52 -21.58
CA VAL A 338 18.85 -7.85 -20.41
C VAL A 338 17.70 -6.87 -20.23
N VAL A 339 16.52 -7.44 -19.99
CA VAL A 339 15.31 -6.66 -19.73
C VAL A 339 14.89 -6.78 -18.28
N LEU A 340 15.01 -8.00 -17.74
CA LEU A 340 14.59 -8.26 -16.36
C LEU A 340 15.59 -9.13 -15.62
N ASP A 341 15.89 -8.73 -14.39
CA ASP A 341 16.73 -9.51 -13.50
C ASP A 341 16.08 -9.46 -12.12
N ARG A 342 15.50 -10.57 -11.69
CA ARG A 342 14.75 -10.60 -10.44
C ARG A 342 15.09 -11.79 -9.56
N TRP A 343 14.86 -11.66 -8.26
CA TRP A 343 14.93 -12.79 -7.34
C TRP A 343 13.89 -12.71 -6.25
N ARG A 344 13.30 -13.85 -5.88
CA ARG A 344 12.45 -13.94 -4.70
C ARG A 344 12.56 -15.30 -4.01
N MET A 345 12.53 -15.25 -2.68
CA MET A 345 12.30 -16.43 -1.83
C MET A 345 11.38 -17.40 -2.57
N ASN A 346 11.61 -18.70 -2.44
CA ASN A 346 10.84 -19.64 -3.25
C ASN A 346 9.32 -19.57 -3.04
N TRP A 347 8.88 -19.12 -1.86
CA TRP A 347 7.48 -19.30 -1.51
C TRP A 347 6.63 -18.03 -1.57
N ASN A 348 7.14 -17.00 -2.22
CA ASN A 348 6.37 -15.78 -2.39
C ASN A 348 6.77 -15.14 -3.70
N PRO A 349 6.54 -15.86 -4.79
CA PRO A 349 6.85 -15.34 -6.13
C PRO A 349 5.95 -14.16 -6.44
N TRP A 350 6.24 -13.44 -7.51
CA TRP A 350 5.27 -12.50 -8.03
C TRP A 350 5.59 -12.21 -9.47
N TYR A 351 4.75 -11.39 -10.12
CA TYR A 351 4.94 -11.00 -11.52
C TYR A 351 5.90 -9.83 -11.66
N HIS A 352 6.76 -9.89 -12.67
CA HIS A 352 7.65 -8.79 -13.02
C HIS A 352 7.41 -8.41 -14.48
N ASN A 353 7.07 -7.15 -14.71
CA ASN A 353 6.51 -6.74 -15.99
C ASN A 353 7.30 -5.66 -16.74
N PHE A 354 7.02 -5.54 -18.02
CA PHE A 354 7.61 -4.52 -18.89
C PHE A 354 6.79 -4.48 -20.17
N TYR A 355 6.71 -3.31 -20.81
CA TYR A 355 5.97 -3.21 -22.07
C TYR A 355 6.91 -2.94 -23.23
N ARG A 356 6.75 -3.70 -24.31
CA ARG A 356 7.54 -3.50 -25.52
C ARG A 356 6.65 -3.11 -26.70
N GLU A 357 7.22 -2.31 -27.60
CA GLU A 357 6.52 -1.96 -28.83
C GLU A 357 6.94 -2.93 -29.94
N LEU A 358 6.02 -3.82 -30.33
CA LEU A 358 6.35 -4.85 -31.30
C LEU A 358 5.63 -4.69 -32.66
N ASN A 359 6.29 -5.18 -33.71
CA ASN A 359 5.72 -5.18 -35.07
C ASN A 359 5.31 -6.59 -35.55
N ALA A 360 4.13 -6.68 -36.16
CA ALA A 360 3.44 -7.95 -36.42
C ALA A 360 4.24 -9.05 -37.12
N GLY A 361 5.28 -8.69 -37.85
CA GLY A 361 6.03 -9.67 -38.62
C GLY A 361 7.37 -10.05 -38.03
N ASP A 362 7.86 -9.22 -37.12
CA ASP A 362 9.20 -9.37 -36.57
C ASP A 362 9.33 -10.51 -35.56
N LYS A 363 10.52 -11.11 -35.56
CA LYS A 363 10.88 -12.12 -34.57
C LYS A 363 12.05 -11.60 -33.75
N HIS A 364 11.96 -11.73 -32.43
CA HIS A 364 13.02 -11.27 -31.54
C HIS A 364 13.51 -12.44 -30.67
N LYS A 365 14.81 -12.47 -30.36
CA LYS A 365 15.39 -13.58 -29.60
C LYS A 365 15.17 -13.55 -28.06
N LEU A 366 14.63 -14.65 -27.54
CA LEU A 366 14.29 -14.78 -26.13
C LEU A 366 15.17 -15.77 -25.38
N LYS A 367 15.83 -15.29 -24.32
CA LYS A 367 16.64 -16.13 -23.45
C LYS A 367 16.28 -15.87 -21.99
N VAL A 368 15.98 -16.93 -21.25
CA VAL A 368 15.67 -16.85 -19.83
C VAL A 368 16.62 -17.73 -19.04
N SER A 369 16.88 -17.38 -17.80
CA SER A 369 17.70 -18.21 -16.92
C SER A 369 17.08 -18.30 -15.54
N TRP A 370 16.40 -19.41 -15.25
CA TRP A 370 15.68 -19.55 -13.98
C TRP A 370 16.24 -20.63 -13.02
N LYS A 371 16.92 -20.19 -11.97
CA LYS A 371 17.43 -21.11 -10.92
C LYS A 371 16.47 -21.22 -9.73
N PRO A 372 15.42 -22.03 -9.89
CA PRO A 372 14.18 -22.10 -9.09
C PRO A 372 14.42 -22.19 -7.59
N ASP A 373 15.55 -22.71 -7.18
CA ASP A 373 15.81 -22.91 -5.76
C ASP A 373 14.53 -23.25 -4.97
N GLY A 374 13.64 -24.03 -5.59
CA GLY A 374 12.46 -24.55 -4.92
C GLY A 374 11.14 -23.84 -5.20
N GLY A 375 11.19 -22.80 -6.03
CA GLY A 375 10.05 -21.92 -6.23
C GLY A 375 9.27 -22.12 -7.52
N PHE A 376 8.72 -21.04 -8.06
CA PHE A 376 7.78 -21.18 -9.18
C PHE A 376 8.14 -20.32 -10.37
N PHE A 377 7.50 -20.59 -11.51
CA PHE A 377 7.75 -19.86 -12.75
C PHE A 377 6.60 -19.99 -13.75
N HIS A 378 6.28 -18.87 -14.39
CA HIS A 378 5.41 -18.86 -15.56
C HIS A 378 5.55 -17.52 -16.28
N LEU A 379 5.61 -17.56 -17.61
CA LEU A 379 5.60 -16.32 -18.40
C LEU A 379 4.20 -16.05 -18.91
N ARG A 380 3.71 -14.83 -18.69
CA ARG A 380 2.42 -14.41 -19.26
C ARG A 380 2.65 -13.29 -20.25
N HIS A 381 1.56 -12.83 -20.86
CA HIS A 381 1.66 -11.88 -21.94
C HIS A 381 0.28 -11.43 -22.37
N LEU A 382 0.20 -10.18 -22.80
CA LEU A 382 -0.99 -9.68 -23.47
C LEU A 382 -0.59 -8.92 -24.73
N ASP A 383 -1.34 -9.12 -25.82
CA ASP A 383 -1.10 -8.39 -27.06
C ASP A 383 -1.91 -7.08 -27.08
N PRO A 384 -1.52 -6.13 -27.95
CA PRO A 384 -2.19 -4.82 -27.95
C PRO A 384 -3.70 -4.95 -28.13
N LEU A 385 -4.44 -4.12 -27.43
CA LEU A 385 -5.90 -4.09 -27.58
C LEU A 385 -6.28 -3.45 -28.91
N PRO A 386 -7.56 -3.55 -29.29
CA PRO A 386 -8.07 -2.83 -30.46
C PRO A 386 -7.56 -1.39 -30.50
N ALA A 387 -7.59 -0.77 -31.68
CA ALA A 387 -6.96 0.52 -31.88
C ALA A 387 -7.59 1.64 -31.04
N ASN A 388 -8.92 1.66 -30.98
CA ASN A 388 -9.65 2.71 -30.28
C ASN A 388 -9.58 2.56 -28.76
N GLU A 389 -9.26 1.36 -28.31
CA GLU A 389 -9.15 1.10 -26.87
C GLU A 389 -7.73 1.36 -26.34
N GLN A 390 -6.76 1.49 -27.24
CA GLN A 390 -5.37 1.77 -26.87
C GLN A 390 -5.21 2.90 -25.84
N HIS A 391 -5.76 4.07 -26.17
CA HIS A 391 -5.69 5.22 -25.26
C HIS A 391 -7.06 5.53 -24.64
N GLU A 392 -7.53 4.67 -23.73
CA GLU A 392 -8.82 4.90 -23.04
C GLU A 392 -8.84 4.33 -21.62
N LEU A 393 -9.85 4.71 -20.85
CA LEU A 393 -9.99 4.24 -19.47
C LEU A 393 -10.91 3.03 -19.39
N SER A 394 -10.40 1.90 -18.90
CA SER A 394 -11.24 0.71 -18.76
C SER A 394 -11.19 0.03 -17.39
N LEU A 395 -12.36 -0.25 -16.84
CA LEU A 395 -12.48 -1.01 -15.58
C LEU A 395 -13.41 -2.22 -15.75
N ALA A 396 -12.95 -3.40 -15.36
CA ALA A 396 -13.76 -4.62 -15.43
C ALA A 396 -13.58 -5.53 -14.20
N SER A 397 -14.68 -6.02 -13.67
CA SER A 397 -14.65 -6.97 -12.56
C SER A 397 -15.06 -8.38 -13.04
N GLU A 398 -14.73 -9.37 -12.22
CA GLU A 398 -14.92 -10.77 -12.64
C GLU A 398 -16.35 -11.24 -12.38
N THR A 399 -16.93 -10.77 -11.29
CA THR A 399 -18.34 -11.08 -10.94
C THR A 399 -19.00 -9.90 -10.21
N GLY A 400 -20.27 -9.67 -10.52
CA GLY A 400 -21.04 -8.62 -9.89
C GLY A 400 -22.44 -8.67 -10.48
N LYS A 401 -23.36 -7.90 -9.91
CA LYS A 401 -24.73 -7.92 -10.43
C LYS A 401 -25.00 -6.65 -11.22
N ALA A 402 -24.08 -5.70 -11.15
CA ALA A 402 -24.28 -4.39 -11.77
C ALA A 402 -22.99 -3.57 -11.88
N ILE A 403 -22.96 -2.60 -12.80
CA ILE A 403 -21.89 -1.62 -12.85
C ILE A 403 -22.18 -0.52 -11.84
N ASP A 404 -21.39 -0.48 -10.78
CA ASP A 404 -21.65 0.41 -9.67
C ASP A 404 -20.38 1.17 -9.37
N TYR A 405 -20.45 2.50 -9.46
CA TYR A 405 -19.32 3.35 -9.05
C TYR A 405 -19.74 4.73 -8.60
N TYR A 406 -18.78 5.47 -8.07
CA TYR A 406 -19.02 6.80 -7.55
C TYR A 406 -18.08 7.78 -8.25
N PHE A 407 -18.64 8.79 -8.90
CA PHE A 407 -17.86 9.90 -9.42
C PHE A 407 -17.58 10.88 -8.27
N VAL A 408 -16.30 11.24 -8.12
CA VAL A 408 -15.88 12.16 -7.07
C VAL A 408 -15.15 13.35 -7.71
N ALA A 409 -15.72 14.55 -7.60
CA ALA A 409 -15.11 15.76 -8.14
C ALA A 409 -14.28 16.52 -7.10
N GLY A 410 -13.18 17.13 -7.52
CA GLY A 410 -12.36 17.90 -6.60
C GLY A 410 -11.28 18.77 -7.23
N ASP A 411 -11.23 20.01 -6.78
CA ASP A 411 -10.33 21.00 -7.38
C ASP A 411 -8.85 20.65 -7.14
N THR A 412 -8.58 19.92 -6.08
CA THR A 412 -7.25 19.42 -5.84
C THR A 412 -7.36 17.93 -5.59
N LYS A 413 -6.23 17.24 -5.68
CA LYS A 413 -6.19 15.84 -5.39
C LYS A 413 -6.68 15.58 -3.96
N ASP A 414 -6.23 16.39 -3.00
CA ASP A 414 -6.69 16.27 -1.61
C ASP A 414 -8.21 16.28 -1.48
N ASP A 415 -8.85 17.10 -2.30
CA ASP A 415 -10.29 17.25 -2.29
C ASP A 415 -10.91 15.95 -2.75
N ILE A 416 -10.16 15.24 -3.59
CA ILE A 416 -10.68 14.02 -4.16
C ILE A 416 -10.51 12.86 -3.19
N ILE A 417 -9.35 12.76 -2.54
CA ILE A 417 -9.20 11.80 -1.45
C ILE A 417 -10.33 11.98 -0.43
N SER A 418 -10.64 13.24 -0.12
CA SER A 418 -11.69 13.56 0.85
C SER A 418 -13.06 13.01 0.47
N GLY A 419 -13.34 12.94 -0.82
CA GLY A 419 -14.57 12.34 -1.30
C GLY A 419 -14.53 10.83 -1.10
N TYR A 420 -13.34 10.26 -1.30
CA TYR A 420 -13.12 8.85 -1.00
C TYR A 420 -13.34 8.62 0.49
N ARG A 421 -12.76 9.49 1.31
CA ARG A 421 -12.85 9.31 2.75
C ARG A 421 -14.29 9.39 3.15
N GLN A 422 -15.08 10.13 2.39
CA GLN A 422 -16.46 10.43 2.75
C GLN A 422 -17.35 9.25 2.49
N LEU A 423 -17.04 8.53 1.42
CA LEU A 423 -17.74 7.32 1.00
C LEU A 423 -17.40 6.09 1.86
N THR A 424 -16.13 5.96 2.21
CA THR A 424 -15.62 4.73 2.81
C THR A 424 -15.20 4.90 4.28
N GLY A 425 -15.26 6.14 4.78
CA GLY A 425 -15.10 6.38 6.20
C GLY A 425 -13.85 7.13 6.51
N LYS A 426 -13.95 8.03 7.49
CA LYS A 426 -12.80 8.80 7.92
C LYS A 426 -11.64 7.88 8.34
N SER A 427 -10.42 8.26 7.99
CA SER A 427 -9.24 7.60 8.47
C SER A 427 -9.02 8.00 9.94
N VAL A 428 -9.43 7.14 10.88
CA VAL A 428 -9.39 7.46 12.31
C VAL A 428 -7.98 7.62 12.83
N MET A 429 -7.80 8.48 13.83
CA MET A 429 -6.47 8.72 14.37
C MET A 429 -5.83 7.42 14.83
N LEU A 430 -4.58 7.22 14.43
CA LEU A 430 -3.73 6.24 15.02
C LEU A 430 -3.21 6.85 16.31
N PRO A 431 -2.75 6.02 17.24
CA PRO A 431 -2.11 6.67 18.40
C PRO A 431 -0.85 7.37 17.93
N LYS A 432 -0.44 8.43 18.63
CA LYS A 432 0.77 9.17 18.30
C LYS A 432 2.02 8.27 18.20
N TRP A 433 2.19 7.32 19.11
CA TRP A 433 3.36 6.45 19.07
C TRP A 433 3.48 5.65 17.77
N ALA A 434 2.39 5.55 17.00
CA ALA A 434 2.47 4.73 15.79
C ALA A 434 3.33 5.38 14.72
N TYR A 435 3.52 6.69 14.81
CA TYR A 435 4.34 7.41 13.85
C TYR A 435 5.78 7.49 14.34
N GLY A 436 6.03 6.91 15.51
CA GLY A 436 7.39 6.76 16.01
C GLY A 436 8.01 5.58 15.32
N PHE A 437 9.27 5.30 15.66
CA PHE A 437 9.98 4.12 15.18
C PHE A 437 9.46 2.79 15.74
N TRP A 438 9.28 1.80 14.86
CA TRP A 438 8.88 0.42 15.20
C TRP A 438 10.02 -0.54 14.97
N GLN A 439 10.37 -1.33 15.99
CA GLN A 439 11.32 -2.43 15.79
C GLN A 439 10.66 -3.79 15.89
N SER A 440 10.73 -4.54 14.80
CA SER A 440 10.14 -5.87 14.75
C SER A 440 11.20 -6.91 14.34
N ARG A 441 10.89 -8.18 14.53
CA ARG A 441 11.69 -9.29 13.98
C ARG A 441 10.80 -10.48 13.72
N GLU A 442 11.15 -11.25 12.68
CA GLU A 442 10.62 -12.60 12.52
C GLU A 442 11.71 -13.59 12.87
N ARG A 443 11.80 -13.99 14.14
CA ARG A 443 10.93 -13.54 15.21
C ARG A 443 11.69 -13.51 16.54
N TYR A 444 11.25 -12.66 17.45
CA TYR A 444 11.69 -12.77 18.84
C TYR A 444 11.13 -14.04 19.45
N LYS A 445 12.00 -14.81 20.12
CA LYS A 445 11.65 -16.14 20.57
C LYS A 445 11.23 -16.24 22.04
N SER A 446 11.42 -15.17 22.81
CA SER A 446 11.07 -15.20 24.23
C SER A 446 10.79 -13.82 24.81
N SER A 447 10.06 -13.80 25.93
CA SER A 447 9.86 -12.55 26.64
C SER A 447 11.21 -11.88 26.83
N ASP A 448 12.17 -12.66 27.32
CA ASP A 448 13.55 -12.17 27.54
C ASP A 448 14.16 -11.43 26.34
N GLU A 449 14.09 -12.03 25.15
CA GLU A 449 14.69 -11.44 23.97
C GLU A 449 14.10 -10.07 23.63
N ILE A 450 12.78 -9.98 23.57
CA ILE A 450 12.10 -8.71 23.33
C ILE A 450 12.62 -7.65 24.30
N ILE A 451 12.43 -7.89 25.59
CA ILE A 451 12.93 -6.92 26.56
C ILE A 451 14.44 -6.63 26.40
N GLN A 452 15.24 -7.61 26.00
CA GLN A 452 16.67 -7.36 25.80
C GLN A 452 16.93 -6.40 24.64
N ASN A 453 16.23 -6.61 23.53
CA ASN A 453 16.46 -5.74 22.40
C ASN A 453 15.92 -4.32 22.61
N LEU A 454 14.80 -4.19 23.32
CA LEU A 454 14.26 -2.88 23.60
C LEU A 454 15.22 -2.14 24.53
N LYS A 455 15.79 -2.86 25.49
CA LYS A 455 16.74 -2.29 26.45
C LYS A 455 18.00 -1.80 25.73
N GLU A 456 18.43 -2.54 24.72
CA GLU A 456 19.57 -2.14 23.92
C GLU A 456 19.37 -0.77 23.24
N TYR A 457 18.23 -0.56 22.59
CA TYR A 457 17.93 0.77 22.07
C TYR A 457 18.06 1.84 23.18
N ARG A 458 17.23 1.75 24.20
CA ARG A 458 17.33 2.65 25.34
C ARG A 458 18.77 2.84 25.81
N ASP A 459 19.52 1.75 25.97
CA ASP A 459 20.87 1.87 26.50
C ASP A 459 21.71 2.73 25.56
N ARG A 460 21.45 2.60 24.26
CA ARG A 460 22.22 3.26 23.23
C ARG A 460 21.64 4.63 22.87
N LYS A 461 20.72 5.09 23.70
CA LYS A 461 19.96 6.32 23.45
C LYS A 461 19.48 6.52 21.99
N ILE A 462 19.21 5.41 21.28
CA ILE A 462 18.56 5.46 19.96
C ILE A 462 17.05 5.43 20.14
N PRO A 463 16.35 6.47 19.68
CA PRO A 463 14.90 6.58 19.85
C PRO A 463 14.12 5.39 19.32
N ILE A 464 13.05 5.03 20.03
CA ILE A 464 12.13 3.94 19.65
C ILE A 464 10.85 3.95 20.50
N ASP A 465 9.70 3.73 19.86
CA ASP A 465 8.40 3.69 20.57
C ASP A 465 7.80 2.29 20.78
N ASN A 466 8.00 1.43 19.79
CA ASN A 466 7.26 0.19 19.63
C ASN A 466 8.16 -0.98 19.27
N ILE A 467 7.89 -2.13 19.88
CA ILE A 467 8.54 -3.37 19.46
C ILE A 467 7.43 -4.34 19.17
N VAL A 468 7.72 -5.32 18.32
CA VAL A 468 6.68 -6.24 17.89
C VAL A 468 6.99 -7.71 18.19
N LEU A 469 5.98 -8.45 18.60
CA LEU A 469 6.07 -9.90 18.77
C LEU A 469 5.36 -10.57 17.63
N ASP A 470 6.11 -11.29 16.81
CA ASP A 470 5.58 -11.96 15.65
C ASP A 470 4.96 -13.29 16.09
N TRP A 471 4.61 -14.09 15.10
CA TRP A 471 3.99 -15.41 15.28
C TRP A 471 4.75 -16.39 16.21
N SER A 472 4.03 -17.42 16.64
CA SER A 472 4.62 -18.63 17.23
C SER A 472 5.00 -18.51 18.71
N TYR A 473 4.30 -17.65 19.44
CA TYR A 473 4.42 -17.54 20.90
C TYR A 473 3.48 -18.54 21.65
N TRP A 474 2.71 -19.29 20.88
CA TRP A 474 1.77 -20.20 21.47
C TRP A 474 2.42 -21.58 21.50
N PRO A 475 1.77 -22.55 22.16
CA PRO A 475 2.24 -23.95 22.04
C PRO A 475 2.15 -24.37 20.57
N GLU A 476 3.17 -25.06 20.10
CA GLU A 476 3.27 -25.36 18.69
C GLU A 476 1.96 -25.95 18.11
N ASP A 477 1.29 -26.83 18.87
CA ASP A 477 0.11 -27.55 18.40
C ASP A 477 -1.22 -26.89 18.79
N ALA A 478 -1.18 -25.57 18.92
CA ALA A 478 -2.36 -24.80 19.30
C ALA A 478 -2.49 -23.42 18.62
N TRP A 479 -2.09 -23.31 17.35
CA TRP A 479 -2.33 -22.07 16.61
C TRP A 479 -3.83 -21.77 16.66
N GLY A 480 -4.20 -20.56 17.03
CA GLY A 480 -5.61 -20.24 17.18
C GLY A 480 -6.09 -20.29 18.62
N SER A 481 -5.32 -20.91 19.51
CA SER A 481 -5.68 -20.95 20.92
C SER A 481 -5.38 -19.61 21.59
N HIS A 482 -4.45 -18.87 21.01
CA HIS A 482 -3.99 -17.59 21.55
C HIS A 482 -3.36 -17.73 22.94
N ASP A 483 -2.94 -18.95 23.31
CA ASP A 483 -2.18 -19.16 24.55
C ASP A 483 -0.69 -18.80 24.38
N PHE A 484 -0.01 -18.58 25.50
CA PHE A 484 1.42 -18.32 25.45
C PHE A 484 2.18 -19.52 25.98
N ASP A 485 2.91 -20.19 25.10
CA ASP A 485 3.93 -21.16 25.48
C ASP A 485 4.57 -20.76 26.81
N LYS A 486 4.54 -21.65 27.78
CA LYS A 486 5.07 -21.34 29.11
C LYS A 486 6.60 -21.40 29.17
N GLN A 487 7.22 -22.06 28.19
CA GLN A 487 8.67 -22.17 28.14
C GLN A 487 9.33 -20.83 27.84
N PHE A 488 8.71 -20.06 26.96
CA PHE A 488 9.33 -18.83 26.45
C PHE A 488 8.60 -17.57 26.89
N PHE A 489 7.32 -17.71 27.19
CA PHE A 489 6.49 -16.55 27.47
C PHE A 489 5.63 -16.78 28.70
N PRO A 490 6.27 -16.99 29.85
CA PRO A 490 5.61 -17.52 31.05
C PRO A 490 4.58 -16.55 31.62
N ASP A 491 4.86 -15.26 31.49
CA ASP A 491 4.00 -14.21 32.03
C ASP A 491 3.82 -13.09 31.00
N PRO A 492 2.76 -13.17 30.18
CA PRO A 492 2.54 -12.13 29.17
C PRO A 492 2.28 -10.76 29.80
N LYS A 493 1.48 -10.70 30.86
CA LYS A 493 1.17 -9.43 31.51
C LYS A 493 2.44 -8.73 31.97
N ALA A 494 3.39 -9.52 32.48
CA ALA A 494 4.66 -9.00 32.96
C ALA A 494 5.49 -8.51 31.80
N LEU A 495 5.52 -9.29 30.73
CA LEU A 495 6.20 -8.86 29.51
C LEU A 495 5.71 -7.48 29.03
N VAL A 496 4.39 -7.34 28.89
CA VAL A 496 3.82 -6.06 28.55
C VAL A 496 4.19 -5.04 29.63
N ASP A 497 4.09 -5.45 30.89
CA ASP A 497 4.42 -4.50 31.95
C ASP A 497 5.86 -3.95 31.87
N LYS A 498 6.82 -4.82 31.55
CA LYS A 498 8.23 -4.42 31.43
C LYS A 498 8.42 -3.55 30.20
N VAL A 499 7.70 -3.86 29.12
CA VAL A 499 7.74 -3.01 27.95
C VAL A 499 7.23 -1.60 28.27
N HIS A 500 6.08 -1.56 28.92
CA HIS A 500 5.45 -0.29 29.24
C HIS A 500 6.33 0.54 30.20
N ALA A 501 7.01 -0.14 31.12
CA ALA A 501 7.85 0.55 32.09
C ALA A 501 9.02 1.25 31.43
N MET A 502 9.39 0.76 30.23
CA MET A 502 10.39 1.40 29.39
C MET A 502 9.73 2.38 28.40
N ASN A 503 8.52 2.81 28.69
CA ASN A 503 7.85 3.82 27.87
C ASN A 503 7.75 3.44 26.40
N ALA A 504 7.53 2.16 26.17
CA ALA A 504 7.30 1.66 24.82
C ALA A 504 5.96 0.93 24.74
N GLN A 505 5.56 0.61 23.52
CA GLN A 505 4.31 -0.09 23.29
C GLN A 505 4.70 -1.41 22.68
N ILE A 506 3.84 -2.42 22.81
CA ILE A 506 4.10 -3.68 22.12
C ILE A 506 2.91 -4.16 21.31
N MET A 507 3.22 -4.66 20.11
CA MET A 507 2.21 -5.20 19.23
C MET A 507 2.44 -6.68 19.05
N ILE A 508 1.38 -7.42 18.75
CA ILE A 508 1.46 -8.88 18.71
C ILE A 508 0.73 -9.46 17.49
N SER A 509 1.32 -10.49 16.89
CA SER A 509 0.71 -11.13 15.72
C SER A 509 -0.53 -11.95 16.09
N VAL A 510 -1.57 -11.84 15.29
CA VAL A 510 -2.74 -12.73 15.36
C VAL A 510 -3.26 -12.95 13.94
N TRP A 511 -3.36 -14.21 13.54
CA TRP A 511 -3.81 -14.63 12.22
C TRP A 511 -5.32 -14.91 12.21
N PRO A 512 -5.90 -15.19 11.04
CA PRO A 512 -7.29 -15.65 11.12
C PRO A 512 -7.31 -17.18 11.09
N LYS A 513 -6.19 -17.78 11.52
CA LYS A 513 -5.91 -19.19 11.30
C LYS A 513 -6.09 -20.01 12.57
N PHE A 514 -6.69 -21.17 12.44
CA PHE A 514 -7.02 -21.99 13.59
C PHE A 514 -6.77 -23.46 13.29
N TYR A 515 -6.17 -24.16 14.24
CA TYR A 515 -6.04 -25.60 14.15
C TYR A 515 -7.34 -26.21 14.63
N PRO A 516 -7.83 -27.24 13.94
CA PRO A 516 -9.07 -27.91 14.35
C PRO A 516 -8.94 -28.61 15.73
N THR A 517 -7.72 -28.74 16.25
CA THR A 517 -7.59 -29.31 17.59
C THR A 517 -8.02 -28.34 18.69
N THR A 518 -7.98 -27.04 18.40
CA THR A 518 -8.23 -26.01 19.41
C THR A 518 -9.70 -25.72 19.73
N ASP A 519 -9.94 -25.43 21.00
CA ASP A 519 -11.25 -25.02 21.51
C ASP A 519 -11.82 -23.83 20.75
N ASN A 520 -10.95 -22.86 20.44
CA ASN A 520 -11.35 -21.66 19.69
C ASN A 520 -11.83 -21.94 18.27
N TYR A 521 -11.18 -22.90 17.62
CA TYR A 521 -11.64 -23.38 16.36
C TYR A 521 -13.04 -23.96 16.56
N LYS A 522 -13.14 -24.93 17.48
CA LYS A 522 -14.41 -25.61 17.76
C LYS A 522 -15.58 -24.62 17.96
N GLU A 523 -15.31 -23.51 18.64
CA GLU A 523 -16.37 -22.53 18.95
C GLU A 523 -16.85 -21.87 17.67
N LEU A 524 -15.90 -21.37 16.91
CA LEU A 524 -16.18 -20.83 15.60
C LEU A 524 -16.87 -21.87 14.71
N ASN A 525 -16.31 -23.08 14.63
CA ASN A 525 -16.87 -24.06 13.72
C ASN A 525 -18.36 -24.41 13.93
N ALA A 526 -18.80 -24.34 15.18
CA ALA A 526 -20.15 -24.75 15.56
C ALA A 526 -21.22 -23.72 15.20
N LYS A 527 -20.78 -22.48 14.93
CA LYS A 527 -21.66 -21.45 14.42
C LYS A 527 -21.63 -21.42 12.88
N GLY A 528 -20.89 -22.38 12.32
CA GLY A 528 -20.67 -22.50 10.88
C GLY A 528 -19.65 -21.54 10.28
N PHE A 529 -18.79 -20.93 11.10
CA PHE A 529 -17.89 -19.86 10.62
C PHE A 529 -16.45 -20.27 10.30
N MET A 530 -16.19 -21.55 10.06
CA MET A 530 -14.86 -21.95 9.61
C MET A 530 -14.85 -22.31 8.10
N PHE A 531 -13.84 -21.81 7.38
CA PHE A 531 -13.61 -22.15 5.97
C PHE A 531 -12.89 -23.50 5.93
N ASN A 532 -13.65 -24.59 5.92
CA ASN A 532 -13.15 -25.98 6.10
C ASN A 532 -12.55 -26.74 4.90
N ARG A 533 -12.60 -26.16 3.71
CA ARG A 533 -12.11 -26.86 2.52
C ARG A 533 -10.60 -27.08 2.54
N ASN A 534 -9.89 -26.20 3.25
CA ASN A 534 -8.46 -26.39 3.46
C ASN A 534 -8.18 -27.69 4.22
N LEU A 535 -9.13 -28.09 5.05
CA LEU A 535 -8.98 -29.30 5.83
C LEU A 535 -9.25 -30.54 4.98
N ASP A 536 -10.25 -30.46 4.10
CA ASP A 536 -10.61 -31.58 3.21
C ASP A 536 -9.44 -31.87 2.29
N GLU A 537 -8.79 -30.80 1.87
CA GLU A 537 -7.64 -30.84 0.98
C GLU A 537 -6.35 -31.31 1.68
N LYS A 538 -6.46 -31.52 2.99
CA LYS A 538 -5.34 -31.96 3.83
C LYS A 538 -4.08 -31.10 3.60
N ASN A 539 -4.23 -29.79 3.70
CA ASN A 539 -3.09 -28.88 3.52
C ASN A 539 -2.37 -28.60 4.84
N LEU A 540 -1.12 -29.03 4.94
CA LEU A 540 -0.35 -28.78 6.15
C LEU A 540 0.45 -27.50 6.00
N ASP A 541 0.50 -26.71 7.06
CA ASP A 541 1.32 -25.52 7.06
C ASP A 541 2.78 -25.91 7.15
N TRP A 542 3.62 -24.98 7.60
CA TRP A 542 5.07 -25.13 7.56
C TRP A 542 5.67 -25.43 8.93
N ILE A 543 4.86 -25.42 9.98
CA ILE A 543 5.36 -25.72 11.33
C ILE A 543 5.58 -27.23 11.60
N GLY A 544 6.81 -27.60 11.95
CA GLY A 544 7.14 -28.96 12.30
C GLY A 544 6.83 -29.94 11.17
N LYS A 545 6.20 -31.06 11.52
CA LYS A 545 5.75 -32.07 10.56
C LYS A 545 4.62 -31.55 9.68
N GLY A 546 4.00 -30.45 10.12
CA GLY A 546 2.93 -29.81 9.37
C GLY A 546 1.56 -30.06 9.96
N TYR A 547 0.83 -28.99 10.22
CA TYR A 547 -0.47 -29.11 10.88
C TYR A 547 -1.64 -28.82 9.94
N LEU A 548 -2.76 -29.53 10.14
CA LEU A 548 -4.03 -29.14 9.52
C LEU A 548 -4.51 -27.78 10.06
N ASN A 549 -5.12 -26.98 9.21
CA ASN A 549 -5.45 -25.62 9.60
C ASN A 549 -6.48 -24.98 8.70
N ALA A 550 -7.23 -24.03 9.25
CA ALA A 550 -8.35 -23.39 8.55
C ALA A 550 -8.46 -21.91 8.90
N PHE A 551 -9.11 -21.16 8.03
CA PHE A 551 -9.31 -19.72 8.27
C PHE A 551 -10.77 -19.38 8.50
N TYR A 552 -11.02 -18.47 9.43
CA TYR A 552 -12.40 -18.17 9.72
C TYR A 552 -12.98 -17.26 8.65
N ASP A 553 -14.29 -17.06 8.75
CA ASP A 553 -15.08 -16.34 7.79
C ASP A 553 -15.49 -15.04 8.47
N PRO A 554 -14.93 -13.92 8.00
CA PRO A 554 -15.09 -12.62 8.65
C PRO A 554 -16.26 -11.81 8.07
N PHE A 555 -16.94 -12.37 7.07
CA PHE A 555 -17.98 -11.64 6.36
C PHE A 555 -19.33 -11.56 7.10
N SER A 556 -19.37 -12.16 8.29
CA SER A 556 -20.49 -11.99 9.21
C SER A 556 -20.03 -11.25 10.46
N PRO A 557 -20.76 -10.20 10.86
CA PRO A 557 -20.44 -9.50 12.11
C PRO A 557 -20.52 -10.45 13.31
N GLU A 558 -21.48 -11.38 13.28
CA GLU A 558 -21.63 -12.38 14.34
C GLU A 558 -20.37 -13.22 14.49
N ALA A 559 -19.74 -13.54 13.36
CA ALA A 559 -18.47 -14.25 13.33
C ALA A 559 -17.31 -13.43 13.88
N THR A 560 -17.21 -12.17 13.47
CA THR A 560 -16.06 -11.39 13.89
C THR A 560 -16.18 -11.03 15.38
N ALA A 561 -17.38 -11.15 15.93
CA ALA A 561 -17.60 -10.80 17.34
C ALA A 561 -17.03 -11.89 18.27
N ILE A 562 -17.18 -13.15 17.87
CA ILE A 562 -16.48 -14.27 18.51
C ILE A 562 -14.98 -14.16 18.34
N PHE A 563 -14.53 -13.97 17.10
CA PHE A 563 -13.11 -13.81 16.87
C PHE A 563 -12.51 -12.83 17.88
N TRP A 564 -13.03 -11.61 17.88
CA TRP A 564 -12.55 -10.58 18.80
C TRP A 564 -12.64 -11.02 20.27
N LYS A 565 -13.71 -11.71 20.64
CA LYS A 565 -13.91 -12.11 22.03
C LYS A 565 -12.88 -13.16 22.45
N GLN A 566 -12.50 -14.02 21.53
CA GLN A 566 -11.40 -14.95 21.78
C GLN A 566 -10.05 -14.25 22.08
N ILE A 567 -9.71 -13.27 21.25
CA ILE A 567 -8.43 -12.61 21.39
C ILE A 567 -8.50 -11.59 22.53
N ARG A 568 -9.73 -11.17 22.83
CA ARG A 568 -9.98 -10.26 23.94
C ARG A 568 -9.75 -11.02 25.23
N ASP A 569 -10.37 -12.20 25.30
CA ASP A 569 -10.30 -13.04 26.48
C ASP A 569 -8.86 -13.46 26.81
N LYS A 570 -8.07 -13.74 25.77
CA LYS A 570 -6.76 -14.35 25.90
C LYS A 570 -5.54 -13.44 25.76
N ILE A 571 -5.69 -12.31 25.08
CA ILE A 571 -4.55 -11.44 24.81
C ILE A 571 -4.75 -10.03 25.36
N ASN A 572 -5.90 -9.44 25.06
CA ASN A 572 -6.20 -8.07 25.49
C ASN A 572 -6.10 -7.85 27.01
N VAL A 573 -6.47 -8.87 27.81
CA VAL A 573 -6.40 -8.78 29.27
C VAL A 573 -4.98 -8.58 29.81
N HIS A 574 -4.00 -9.03 29.03
CA HIS A 574 -2.60 -8.83 29.36
C HIS A 574 -2.12 -7.42 28.98
N GLY A 575 -2.90 -6.72 28.16
CA GLY A 575 -2.66 -5.31 27.95
C GLY A 575 -1.83 -4.91 26.76
N PHE A 576 -1.68 -5.80 25.78
CA PHE A 576 -0.98 -5.47 24.54
C PHE A 576 -1.58 -4.23 23.90
N ASP A 577 -0.76 -3.47 23.16
CA ASP A 577 -1.16 -2.15 22.70
C ASP A 577 -1.79 -2.13 21.34
N ALA A 578 -1.57 -3.20 20.58
CA ALA A 578 -1.83 -3.18 19.14
C ALA A 578 -1.91 -4.60 18.55
N TRP A 579 -2.57 -4.73 17.40
CA TRP A 579 -2.76 -6.06 16.79
C TRP A 579 -2.14 -6.12 15.40
N TRP A 580 -1.16 -6.98 15.22
CA TRP A 580 -0.60 -7.24 13.92
C TRP A 580 -1.42 -8.35 13.27
N LEU A 581 -2.46 -7.95 12.54
CA LEU A 581 -3.38 -8.87 11.88
C LEU A 581 -2.80 -9.30 10.56
N ASP A 582 -1.91 -10.30 10.61
CA ASP A 582 -1.21 -10.83 9.46
C ASP A 582 -2.12 -11.74 8.64
N ALA A 583 -1.73 -11.99 7.39
CA ALA A 583 -2.31 -13.05 6.56
C ALA A 583 -3.78 -12.87 6.24
N VAL A 584 -4.17 -11.65 5.95
CA VAL A 584 -5.58 -11.35 5.73
C VAL A 584 -6.02 -11.21 4.25
N GLU A 585 -5.23 -11.73 3.32
CA GLU A 585 -5.64 -11.78 1.93
C GLU A 585 -7.02 -12.45 1.70
N PRO A 586 -7.23 -13.67 2.23
CA PRO A 586 -6.31 -14.51 3.02
C PRO A 586 -5.31 -15.32 2.19
N ASP A 587 -4.24 -15.73 2.86
CA ASP A 587 -3.33 -16.76 2.38
C ASP A 587 -3.59 -18.02 3.22
N ILE A 588 -4.62 -18.77 2.86
CA ILE A 588 -4.96 -19.96 3.61
C ILE A 588 -3.91 -21.02 3.30
N HIS A 589 -3.71 -21.33 2.03
CA HIS A 589 -2.53 -22.12 1.64
C HIS A 589 -1.66 -21.38 0.62
N SER A 590 -0.39 -21.18 0.96
CA SER A 590 0.50 -20.43 0.09
C SER A 590 0.79 -21.16 -1.22
N ASN A 591 0.60 -20.44 -2.33
CA ASN A 591 1.02 -20.89 -3.67
C ASN A 591 0.05 -21.78 -4.45
N LEU A 592 -1.17 -21.91 -3.99
CA LEU A 592 -2.17 -22.59 -4.79
C LEU A 592 -2.58 -21.64 -5.89
N THR A 593 -3.35 -22.11 -6.87
CA THR A 593 -3.89 -21.23 -7.89
C THR A 593 -4.87 -20.23 -7.27
N PHE A 594 -5.12 -19.14 -7.97
CA PHE A 594 -6.04 -18.14 -7.45
C PHE A 594 -7.49 -18.60 -7.53
N GLU A 595 -7.78 -19.56 -8.41
CA GLU A 595 -9.11 -20.16 -8.45
C GLU A 595 -9.30 -21.01 -7.19
N LYS A 596 -8.28 -21.80 -6.86
CA LYS A 596 -8.31 -22.63 -5.65
C LYS A 596 -8.48 -21.78 -4.40
N ARG A 597 -7.76 -20.65 -4.39
CA ARG A 597 -7.87 -19.67 -3.31
C ARG A 597 -9.30 -19.14 -3.23
N LYS A 598 -9.92 -18.94 -4.38
CA LYS A 598 -11.34 -18.54 -4.42
C LYS A 598 -12.21 -19.65 -3.84
N TRP A 599 -11.96 -20.87 -4.31
CA TRP A 599 -12.75 -22.05 -3.95
C TRP A 599 -12.74 -22.22 -2.43
N LEU A 600 -11.60 -21.92 -1.83
CA LEU A 600 -11.42 -22.12 -0.39
C LEU A 600 -12.30 -21.25 0.52
N MET A 601 -12.74 -20.09 0.04
CA MET A 601 -13.58 -19.27 0.90
C MET A 601 -15.04 -19.41 0.51
N THR A 602 -15.40 -20.58 -0.04
CA THR A 602 -16.79 -20.90 -0.43
C THR A 602 -17.34 -22.10 0.35
N PRO A 603 -18.52 -21.92 0.98
CA PRO A 603 -19.32 -20.68 1.04
C PRO A 603 -18.86 -19.72 2.15
N ASN A 604 -18.97 -18.43 1.91
CA ASN A 604 -18.82 -17.44 2.97
C ASN A 604 -20.14 -16.70 3.11
N ALA A 605 -20.24 -15.78 4.05
CA ALA A 605 -21.53 -15.13 4.29
C ALA A 605 -22.05 -14.30 3.10
N ARG A 606 -21.16 -13.90 2.19
CA ARG A 606 -21.53 -12.99 1.11
C ARG A 606 -21.59 -13.68 -0.25
N GLY A 607 -21.57 -15.01 -0.25
CA GLY A 607 -21.61 -15.79 -1.48
C GLY A 607 -20.34 -16.56 -1.75
N ASN A 608 -19.87 -16.48 -2.99
CA ASN A 608 -18.68 -17.22 -3.43
C ASN A 608 -17.35 -16.64 -2.96
N GLY A 609 -16.29 -17.42 -3.18
CA GLY A 609 -14.97 -16.92 -2.87
C GLY A 609 -14.63 -15.74 -3.75
N ALA A 610 -14.99 -15.86 -5.03
CA ALA A 610 -14.66 -14.85 -6.03
C ALA A 610 -15.40 -13.52 -5.83
N GLU A 611 -16.67 -13.57 -5.44
CA GLU A 611 -17.51 -12.37 -5.24
C GLU A 611 -16.92 -11.35 -4.22
N ILE A 612 -15.87 -11.76 -3.49
CA ILE A 612 -15.29 -10.90 -2.47
C ILE A 612 -13.78 -11.06 -2.37
N PHE A 613 -13.16 -11.57 -3.43
CA PHE A 613 -11.73 -11.87 -3.38
C PHE A 613 -10.85 -10.74 -2.85
N ASN A 614 -11.29 -9.49 -2.95
CA ASN A 614 -10.44 -8.40 -2.50
C ASN A 614 -10.77 -7.85 -1.12
N ALA A 615 -11.88 -8.27 -0.54
CA ALA A 615 -12.43 -7.52 0.59
C ALA A 615 -12.20 -8.10 2.00
N TYR A 616 -11.50 -9.22 2.07
CA TYR A 616 -11.37 -9.91 3.35
C TYR A 616 -10.90 -8.97 4.48
N ALA A 617 -9.86 -8.19 4.24
CA ALA A 617 -9.29 -7.45 5.35
C ALA A 617 -10.24 -6.46 6.02
N VAL A 618 -11.30 -6.05 5.36
CA VAL A 618 -12.08 -4.96 5.94
C VAL A 618 -13.06 -5.40 7.02
N PRO A 619 -13.94 -6.37 6.71
CA PRO A 619 -14.87 -6.88 7.74
C PRO A 619 -14.09 -7.38 8.95
N HIS A 620 -12.90 -7.93 8.65
CA HIS A 620 -12.03 -8.52 9.65
C HIS A 620 -11.49 -7.45 10.60
N ALA A 621 -10.78 -6.48 10.06
CA ALA A 621 -10.25 -5.45 10.91
C ALA A 621 -11.40 -4.72 11.59
N GLU A 622 -12.51 -4.53 10.87
CA GLU A 622 -13.68 -3.85 11.46
C GLU A 622 -14.16 -4.48 12.77
N GLY A 623 -14.13 -5.81 12.83
CA GLY A 623 -14.48 -6.55 14.03
C GLY A 623 -13.58 -6.28 15.22
N VAL A 624 -12.27 -6.24 14.98
CA VAL A 624 -11.31 -5.88 16.04
C VAL A 624 -11.50 -4.43 16.49
N TYR A 625 -11.52 -3.50 15.55
CA TYR A 625 -11.77 -2.10 15.85
C TYR A 625 -13.02 -1.97 16.74
N GLN A 626 -14.11 -2.62 16.33
CA GLN A 626 -15.39 -2.48 17.04
C GLN A 626 -15.37 -3.00 18.48
N GLY A 627 -14.70 -4.14 18.70
CA GLY A 627 -14.54 -4.71 20.03
C GLY A 627 -13.70 -3.87 20.97
N GLU A 628 -12.59 -3.34 20.44
CA GLU A 628 -11.76 -2.39 21.14
C GLU A 628 -12.60 -1.20 21.62
N LEU A 629 -13.31 -0.54 20.71
CA LEU A 629 -14.20 0.54 21.10
C LEU A 629 -15.13 0.10 22.23
N ALA A 630 -15.61 -1.14 22.12
CA ALA A 630 -16.55 -1.68 23.11
C ALA A 630 -15.90 -1.81 24.48
N THR A 631 -14.65 -2.29 24.50
CA THR A 631 -13.94 -2.52 25.74
C THR A 631 -13.41 -1.24 26.37
N ASP A 632 -12.47 -0.59 25.67
CA ASP A 632 -11.94 0.70 26.14
C ASP A 632 -12.40 1.86 25.26
N GLY A 633 -13.47 2.53 25.70
CA GLY A 633 -14.07 3.59 24.92
C GLY A 633 -13.34 4.92 25.02
N ASP A 634 -12.09 4.90 25.46
CA ASP A 634 -11.30 6.13 25.50
C ASP A 634 -9.84 6.00 25.02
N LYS A 635 -9.38 4.80 24.73
CA LYS A 635 -8.05 4.62 24.16
C LYS A 635 -8.08 4.35 22.65
N ARG A 636 -7.03 4.77 21.94
CA ARG A 636 -6.93 4.50 20.51
C ARG A 636 -6.38 3.09 20.25
N SER A 637 -7.14 2.27 19.55
CA SER A 637 -6.61 1.01 19.08
C SER A 637 -5.60 1.29 17.99
N PHE A 638 -4.68 0.35 17.77
CA PHE A 638 -3.94 0.33 16.53
C PHE A 638 -3.95 -1.05 15.91
N ILE A 639 -4.20 -1.11 14.60
CA ILE A 639 -3.99 -2.33 13.82
C ILE A 639 -2.98 -2.14 12.67
N LEU A 640 -2.03 -3.05 12.55
CA LEU A 640 -1.27 -3.23 11.31
C LEU A 640 -1.79 -4.49 10.64
N THR A 641 -2.19 -4.40 9.38
CA THR A 641 -2.77 -5.55 8.65
C THR A 641 -2.18 -5.68 7.25
N ARG A 642 -2.03 -6.91 6.76
CA ARG A 642 -1.28 -7.12 5.51
C ARG A 642 -2.12 -7.10 4.21
N SER A 643 -3.33 -6.56 4.29
CA SER A 643 -4.17 -6.41 3.11
C SER A 643 -5.24 -5.36 3.39
N GLY A 644 -5.81 -4.79 2.33
CA GLY A 644 -6.85 -3.80 2.50
C GLY A 644 -7.79 -3.80 1.34
N PHE A 645 -8.70 -2.83 1.37
CA PHE A 645 -9.69 -2.59 0.33
C PHE A 645 -10.26 -1.23 0.70
N GLY A 646 -11.13 -0.67 -0.14
CA GLY A 646 -11.83 0.54 0.21
C GLY A 646 -12.32 0.50 1.65
N GLY A 647 -12.03 1.55 2.42
CA GLY A 647 -12.55 1.65 3.76
C GLY A 647 -11.67 1.11 4.88
N ILE A 648 -10.61 0.37 4.53
CA ILE A 648 -9.73 -0.17 5.57
C ILE A 648 -9.30 0.90 6.60
N GLN A 649 -9.10 2.12 6.14
CA GLN A 649 -8.66 3.18 7.02
C GLN A 649 -9.69 3.51 8.10
N ARG A 650 -10.88 2.96 7.99
CA ARG A 650 -11.90 3.30 8.98
C ARG A 650 -11.83 2.38 10.20
N THR A 651 -10.86 1.47 10.18
CA THR A 651 -10.69 0.51 11.26
C THR A 651 -9.45 0.81 12.12
N GLY A 652 -8.81 1.95 11.86
CA GLY A 652 -7.65 2.38 12.62
C GLY A 652 -6.52 1.44 12.30
N SER A 653 -6.36 1.17 11.01
CA SER A 653 -5.40 0.20 10.56
C SER A 653 -4.43 0.80 9.58
N ALA A 654 -3.17 0.40 9.70
CA ALA A 654 -2.19 0.68 8.68
C ALA A 654 -2.02 -0.60 7.91
N ILE A 655 -1.49 -0.49 6.70
CA ILE A 655 -1.14 -1.66 5.91
C ILE A 655 0.35 -1.66 5.58
N TRP A 656 0.91 -2.83 5.28
CA TRP A 656 2.29 -2.87 4.76
C TRP A 656 2.32 -3.82 3.59
N SER A 657 3.38 -3.76 2.80
CA SER A 657 3.38 -4.43 1.49
C SER A 657 3.69 -5.92 1.61
N GLY A 658 4.00 -6.35 2.83
CA GLY A 658 4.18 -7.76 3.13
C GLY A 658 5.59 -8.29 2.89
N ASP A 659 5.67 -9.53 2.45
CA ASP A 659 6.95 -10.22 2.31
C ASP A 659 7.66 -9.84 1.00
N ILE A 660 8.32 -8.70 1.00
CA ILE A 660 9.12 -8.29 -0.13
C ILE A 660 10.53 -8.81 0.13
N VAL A 661 11.43 -8.69 -0.85
CA VAL A 661 12.78 -9.28 -0.72
C VAL A 661 13.88 -8.24 -0.65
N SER A 662 14.91 -8.48 0.16
CA SER A 662 16.02 -7.55 0.34
C SER A 662 16.79 -7.31 -0.96
N ARG A 663 16.10 -6.76 -1.96
CA ARG A 663 16.67 -6.49 -3.26
C ARG A 663 16.45 -5.02 -3.63
N TRP A 664 17.34 -4.47 -4.45
CA TRP A 664 17.20 -3.07 -4.86
C TRP A 664 15.96 -2.87 -5.73
N SER A 665 15.76 -3.72 -6.72
CA SER A 665 14.56 -3.62 -7.54
C SER A 665 13.33 -3.47 -6.65
N ASP A 666 13.35 -4.14 -5.51
CA ASP A 666 12.19 -4.15 -4.61
C ASP A 666 12.07 -2.87 -3.77
N MET A 667 13.20 -2.34 -3.35
CA MET A 667 13.18 -1.09 -2.63
C MET A 667 12.70 0.05 -3.56
N LYS A 668 13.19 0.04 -4.79
CA LYS A 668 12.73 1.04 -5.73
C LYS A 668 11.24 0.93 -5.85
N ASP A 669 10.74 -0.29 -6.04
CA ASP A 669 9.33 -0.46 -6.35
C ASP A 669 8.39 -0.07 -5.19
N GLN A 670 8.93 0.00 -3.98
CA GLN A 670 8.06 0.32 -2.87
C GLN A 670 7.64 1.80 -2.96
N ILE A 671 8.41 2.58 -3.70
CA ILE A 671 8.08 3.99 -3.89
C ILE A 671 6.71 4.14 -4.57
N ALA A 672 6.52 3.45 -5.70
CA ALA A 672 5.24 3.54 -6.39
C ALA A 672 4.17 2.81 -5.59
N ALA A 673 4.57 1.75 -4.89
CA ALA A 673 3.62 1.04 -4.04
C ALA A 673 3.00 1.97 -2.99
N GLY A 674 3.83 2.72 -2.26
CA GLY A 674 3.34 3.70 -1.32
C GLY A 674 2.56 4.81 -2.01
N ILE A 675 3.07 5.29 -3.15
CA ILE A 675 2.40 6.38 -3.83
C ILE A 675 0.97 6.00 -4.21
N GLY A 676 0.83 4.83 -4.83
CA GLY A 676 -0.45 4.41 -5.34
C GLY A 676 -1.42 4.12 -4.21
N THR A 677 -0.90 3.62 -3.10
CA THR A 677 -1.74 3.39 -1.94
C THR A 677 -2.26 4.71 -1.39
N ASN A 678 -1.39 5.70 -1.26
CA ASN A 678 -1.86 6.98 -0.75
C ASN A 678 -2.86 7.71 -1.65
N LEU A 679 -2.58 7.70 -2.95
CA LEU A 679 -3.46 8.32 -3.92
C LEU A 679 -4.72 7.48 -4.14
N ALA A 680 -4.81 6.36 -3.45
CA ALA A 680 -6.01 5.54 -3.45
C ALA A 680 -6.94 5.92 -2.29
N GLY A 681 -6.42 6.72 -1.35
CA GLY A 681 -7.19 7.21 -0.22
C GLY A 681 -6.76 6.59 1.10
N VAL A 682 -5.71 5.76 1.03
CA VAL A 682 -5.23 5.05 2.20
C VAL A 682 -3.78 5.46 2.54
N THR A 683 -3.63 6.31 3.55
CA THR A 683 -2.34 6.95 3.75
C THR A 683 -1.40 6.22 4.71
N ASN A 684 -1.94 5.70 5.82
CA ASN A 684 -1.09 5.03 6.82
C ASN A 684 -0.60 3.71 6.28
N TRP A 685 0.56 3.76 5.64
CA TRP A 685 1.12 2.66 4.89
C TRP A 685 2.59 2.47 5.28
N THR A 686 3.07 1.24 5.17
CA THR A 686 4.49 1.00 5.41
C THR A 686 4.99 -0.27 4.73
N PHE A 687 6.27 -0.56 4.92
CA PHE A 687 6.89 -1.77 4.41
C PHE A 687 7.95 -2.28 5.38
N ASP A 688 8.63 -3.37 5.02
CA ASP A 688 9.73 -3.86 5.85
C ASP A 688 11.03 -3.18 5.46
N ILE A 689 11.58 -2.32 6.32
CA ILE A 689 12.91 -1.78 6.03
C ILE A 689 13.91 -2.91 5.93
N GLY A 690 14.46 -3.08 4.74
CA GLY A 690 15.49 -4.08 4.52
C GLY A 690 14.90 -5.27 3.81
N GLY A 691 13.57 -5.27 3.68
CA GLY A 691 12.83 -6.37 3.06
C GLY A 691 12.60 -7.52 4.02
N PHE A 692 11.50 -8.26 3.83
CA PHE A 692 11.18 -9.40 4.67
C PHE A 692 12.22 -10.54 4.59
N THR A 693 12.57 -10.98 3.37
CA THR A 693 13.51 -12.09 3.17
C THR A 693 14.73 -11.74 2.31
N PRO A 694 15.93 -11.81 2.91
CA PRO A 694 17.18 -11.63 2.15
C PRO A 694 17.52 -12.94 1.43
N GLU A 695 18.38 -12.85 0.41
CA GLU A 695 18.94 -14.03 -0.22
C GLU A 695 19.66 -14.91 0.81
N ASP A 696 20.02 -16.10 0.38
CA ASP A 696 20.78 -17.03 1.21
C ASP A 696 22.19 -16.54 1.53
N ARG A 697 22.83 -15.86 0.58
CA ARG A 697 24.15 -15.32 0.85
C ARG A 697 24.17 -14.47 2.12
N PHE A 698 23.00 -13.98 2.52
CA PHE A 698 22.86 -13.09 3.67
C PHE A 698 22.43 -13.79 4.96
N ARG A 699 21.79 -14.95 4.86
CA ARG A 699 21.22 -15.60 6.06
C ARG A 699 22.15 -16.63 6.72
N HIS A 700 22.88 -17.35 5.87
CA HIS A 700 23.70 -18.50 6.26
C HIS A 700 25.10 -18.15 5.77
N GLY A 701 26.12 -18.56 6.51
CA GLY A 701 27.48 -18.34 6.07
C GLY A 701 28.43 -19.38 6.61
N LYS A 702 29.72 -19.11 6.46
CA LYS A 702 30.76 -19.96 7.03
C LYS A 702 30.71 -19.96 8.55
N LYS A 703 29.99 -18.99 9.13
CA LYS A 703 29.91 -18.88 10.58
C LYS A 703 28.56 -19.35 11.09
N GLY A 704 27.78 -20.01 10.23
CA GLY A 704 26.51 -20.58 10.62
C GLY A 704 25.31 -19.68 10.42
N PHE A 705 24.41 -19.69 11.40
CA PHE A 705 23.25 -18.82 11.36
C PHE A 705 23.70 -17.39 11.56
N VAL A 706 23.36 -16.52 10.62
CA VAL A 706 23.75 -15.12 10.71
C VAL A 706 22.72 -14.33 11.50
N GLY A 707 23.01 -14.02 12.75
CA GLY A 707 22.16 -13.13 13.52
C GLY A 707 22.63 -11.69 13.35
N SER A 708 23.77 -11.41 13.96
CA SER A 708 24.42 -10.12 13.84
C SER A 708 25.21 -10.12 12.55
N TRP A 709 25.49 -8.93 12.04
CA TRP A 709 26.24 -8.76 10.79
C TRP A 709 27.66 -9.36 10.91
N THR A 710 28.11 -9.54 12.15
CA THR A 710 29.45 -10.06 12.44
C THR A 710 29.63 -11.49 11.94
N ALA A 711 28.51 -12.18 11.74
CA ALA A 711 28.47 -13.55 11.26
C ALA A 711 28.28 -13.67 9.74
N LEU A 712 28.37 -12.55 9.02
CA LEU A 712 28.27 -12.56 7.58
C LEU A 712 29.59 -12.95 6.93
N ASP A 713 29.51 -13.52 5.73
CA ASP A 713 30.67 -13.71 4.88
C ASP A 713 31.28 -12.35 4.49
N ALA A 714 32.55 -12.14 4.82
CA ALA A 714 33.25 -10.89 4.53
C ALA A 714 32.77 -10.10 3.31
N GLU A 715 32.67 -10.75 2.17
CA GLU A 715 32.34 -10.08 0.92
C GLU A 715 30.91 -9.57 0.88
N GLN A 716 30.07 -10.07 1.78
CA GLN A 716 28.64 -9.74 1.77
C GLN A 716 28.33 -8.51 2.60
N VAL A 717 29.16 -8.26 3.61
CA VAL A 717 28.93 -7.17 4.54
C VAL A 717 28.65 -5.83 3.86
N ASP A 718 29.47 -5.47 2.89
CA ASP A 718 29.31 -4.16 2.29
C ASP A 718 27.90 -3.92 1.76
N GLU A 719 27.37 -4.87 1.00
CA GLU A 719 26.08 -4.65 0.38
C GLU A 719 24.94 -4.69 1.41
N TRP A 720 25.04 -5.60 2.37
CA TRP A 720 24.00 -5.67 3.38
C TRP A 720 23.94 -4.37 4.17
N GLN A 721 25.10 -3.80 4.46
CA GLN A 721 25.10 -2.54 5.18
C GLN A 721 24.62 -1.35 4.32
N GLU A 722 24.93 -1.36 3.03
CA GLU A 722 24.50 -0.26 2.17
C GLU A 722 23.01 -0.37 1.85
N LEU A 723 22.52 -1.59 1.69
CA LEU A 723 21.10 -1.79 1.43
C LEU A 723 20.29 -1.29 2.63
N ASN A 724 20.70 -1.67 3.83
CA ASN A 724 19.98 -1.20 4.98
C ASN A 724 20.15 0.30 5.23
N THR A 725 21.31 0.86 4.96
CA THR A 725 21.48 2.30 5.14
C THR A 725 20.50 3.11 4.27
N ARG A 726 20.50 2.80 2.98
CA ARG A 726 19.61 3.45 2.05
C ARG A 726 18.14 3.16 2.36
N TRP A 727 17.85 1.96 2.85
CA TRP A 727 16.46 1.60 3.13
C TRP A 727 15.93 2.29 4.40
N TYR A 728 16.78 2.43 5.41
CA TYR A 728 16.42 3.13 6.63
C TYR A 728 16.16 4.58 6.30
N GLN A 729 16.95 5.15 5.39
CA GLN A 729 16.74 6.52 4.96
C GLN A 729 15.36 6.68 4.33
N PHE A 730 15.04 5.76 3.43
CA PHE A 730 13.77 5.78 2.75
C PHE A 730 12.66 5.57 3.80
N GLY A 731 12.92 4.69 4.75
CA GLY A 731 11.90 4.31 5.71
C GLY A 731 11.48 5.42 6.64
N ALA A 732 12.38 6.35 6.92
CA ALA A 732 12.09 7.40 7.88
C ALA A 732 11.20 8.42 7.22
N PHE A 733 11.02 8.29 5.91
CA PHE A 733 10.16 9.23 5.18
C PHE A 733 8.97 8.53 4.51
N VAL A 734 8.44 7.53 5.17
CA VAL A 734 7.12 7.01 4.79
C VAL A 734 6.15 7.14 5.96
N PRO A 735 4.87 6.86 5.72
CA PRO A 735 3.94 7.17 6.82
C PRO A 735 4.28 6.46 8.14
N LEU A 736 4.57 5.16 8.13
CA LEU A 736 5.06 4.49 9.34
C LEU A 736 6.49 4.04 9.13
N TYR A 737 7.32 4.27 10.15
CA TYR A 737 8.74 4.01 10.11
C TYR A 737 9.05 2.70 10.83
N ARG A 738 9.41 1.64 10.10
CA ARG A 738 9.41 0.29 10.68
C ARG A 738 10.42 -0.74 10.11
N SER A 739 11.27 -1.24 11.00
CA SER A 739 12.24 -2.29 10.65
C SER A 739 11.67 -3.65 11.00
N HIS A 740 11.64 -4.55 10.02
CA HIS A 740 11.22 -5.92 10.28
C HIS A 740 11.76 -6.86 9.23
N GLY A 741 11.89 -8.13 9.59
CA GLY A 741 12.22 -9.15 8.61
C GLY A 741 12.77 -10.42 9.23
N GLN A 742 13.09 -11.37 8.36
CA GLN A 742 13.76 -12.60 8.75
C GLN A 742 15.24 -12.31 8.92
N ASN A 743 15.96 -13.27 9.48
CA ASN A 743 17.40 -13.11 9.72
C ASN A 743 18.12 -12.76 8.42
N PRO A 744 19.16 -11.89 8.50
CA PRO A 744 19.79 -11.36 9.72
C PRO A 744 18.88 -10.49 10.62
N TYR A 745 19.32 -10.29 11.86
CA TYR A 745 18.56 -9.48 12.80
C TYR A 745 18.56 -8.02 12.31
N ARG A 746 17.54 -7.25 12.64
CA ARG A 746 17.42 -5.94 11.98
C ARG A 746 17.54 -4.68 12.83
N GLU A 747 17.71 -4.81 14.15
CA GLU A 747 18.06 -3.64 14.97
C GLU A 747 19.30 -2.96 14.40
N ILE A 748 19.33 -1.62 14.50
CA ILE A 748 20.43 -0.85 13.98
C ILE A 748 21.78 -1.37 14.46
N PHE A 749 21.86 -1.80 15.71
CA PHE A 749 23.13 -2.24 16.30
C PHE A 749 23.53 -3.66 15.88
N ASN A 750 22.66 -4.33 15.12
CA ASN A 750 22.94 -5.65 14.55
C ASN A 750 23.30 -5.56 13.07
N ILE A 751 23.04 -4.41 12.47
CA ILE A 751 23.35 -4.19 11.08
C ILE A 751 24.78 -3.64 10.92
N ALA A 752 25.26 -2.91 11.92
CA ALA A 752 26.63 -2.44 11.89
C ALA A 752 27.05 -2.02 13.29
N ASP A 753 28.34 -1.77 13.48
CA ASP A 753 28.85 -1.43 14.81
C ASP A 753 28.70 0.07 15.19
N GLU A 754 28.62 0.35 16.48
CA GLU A 754 28.62 1.74 16.96
C GLU A 754 29.81 2.53 16.42
N GLY A 755 29.54 3.75 15.97
CA GLY A 755 30.57 4.65 15.49
C GLY A 755 30.84 4.63 14.01
N THR A 756 30.51 3.54 13.32
CA THR A 756 30.75 3.42 11.88
C THR A 756 29.88 4.38 11.08
N GLU A 757 30.23 4.63 9.82
CA GLU A 757 29.42 5.54 9.05
C GLU A 757 27.98 5.10 9.03
N VAL A 758 27.73 3.83 8.74
CA VAL A 758 26.37 3.37 8.48
C VAL A 758 25.50 3.35 9.74
N TYR A 759 26.09 2.94 10.86
CA TYR A 759 25.40 2.98 12.13
C TYR A 759 24.99 4.41 12.40
N ASN A 760 25.95 5.31 12.24
CA ASN A 760 25.69 6.71 12.52
C ASN A 760 24.63 7.29 11.60
N ALA A 761 24.66 6.90 10.32
CA ALA A 761 23.65 7.36 9.38
C ALA A 761 22.26 6.83 9.75
N MET A 762 22.19 5.60 10.23
CA MET A 762 20.92 5.03 10.63
C MET A 762 20.40 5.71 11.89
N VAL A 763 21.25 5.84 12.90
CA VAL A 763 20.82 6.50 14.12
C VAL A 763 20.34 7.92 13.82
N TRP A 764 20.93 8.55 12.81
CA TRP A 764 20.69 9.94 12.51
C TRP A 764 19.29 10.14 11.98
N TYR A 765 18.89 9.28 11.05
CA TYR A 765 17.58 9.39 10.46
C TYR A 765 16.49 8.98 11.49
N THR A 766 16.81 8.01 12.33
CA THR A 766 15.91 7.70 13.43
C THR A 766 15.78 8.96 14.31
N LYS A 767 16.90 9.57 14.67
CA LYS A 767 16.84 10.81 15.43
C LYS A 767 16.06 11.92 14.72
N LEU A 768 16.25 12.03 13.41
CA LEU A 768 15.60 13.06 12.62
C LEU A 768 14.10 12.85 12.69
N ARG A 769 13.70 11.60 12.61
CA ARG A 769 12.28 11.25 12.65
C ARG A 769 11.63 11.88 13.88
N TYR A 770 12.33 11.82 15.01
CA TYR A 770 11.80 12.36 16.25
C TYR A 770 11.89 13.88 16.34
N TYR A 771 12.97 14.44 15.82
CA TYR A 771 13.09 15.89 15.70
C TYR A 771 11.89 16.42 14.92
N LEU A 772 11.50 15.67 13.89
CA LEU A 772 10.42 16.07 12.99
C LEU A 772 9.02 15.74 13.51
N MET A 773 8.93 15.20 14.72
CA MET A 773 7.64 14.68 15.19
C MET A 773 6.53 15.73 15.22
N PRO A 774 6.81 16.96 15.66
CA PRO A 774 5.77 18.00 15.54
C PRO A 774 5.20 18.13 14.10
N TYR A 775 6.07 18.11 13.10
CA TYR A 775 5.66 18.10 11.69
C TYR A 775 4.92 16.84 11.32
N ILE A 776 5.49 15.70 11.69
CA ILE A 776 4.92 14.42 11.31
C ILE A 776 3.54 14.17 11.94
N TYR A 777 3.45 14.37 13.24
CA TYR A 777 2.22 14.05 13.93
C TYR A 777 1.14 15.04 13.48
N THR A 778 1.55 16.21 12.99
CA THR A 778 0.60 17.15 12.35
C THR A 778 0.00 16.49 11.12
N LEU A 779 0.84 15.96 10.23
CA LEU A 779 0.32 15.09 9.18
C LEU A 779 -0.65 14.05 9.76
N GLY A 780 -0.23 13.39 10.84
CA GLY A 780 -1.02 12.38 11.53
C GLY A 780 -2.43 12.87 11.83
N GLY A 781 -2.55 14.03 12.45
CA GLY A 781 -3.85 14.60 12.72
C GLY A 781 -4.56 14.97 11.44
N ASP A 782 -3.79 15.44 10.48
CA ASP A 782 -4.39 15.89 9.22
C ASP A 782 -5.14 14.74 8.53
N THR A 783 -4.59 13.52 8.61
CA THR A 783 -5.21 12.37 7.96
C THR A 783 -6.69 12.27 8.33
N TYR A 784 -6.99 12.61 9.58
CA TYR A 784 -8.37 12.54 10.07
C TYR A 784 -9.11 13.88 9.88
N HIS A 785 -8.66 14.92 10.57
CA HIS A 785 -9.33 16.21 10.57
C HIS A 785 -9.34 16.92 9.22
N LYS A 786 -8.36 16.69 8.37
CA LYS A 786 -8.36 17.35 7.07
C LYS A 786 -8.43 16.37 5.90
N ASP A 787 -8.87 15.14 6.20
CA ASP A 787 -8.87 14.03 5.20
C ASP A 787 -7.55 14.01 4.49
N GLY A 788 -6.48 14.14 5.26
CA GLY A 788 -5.14 14.25 4.74
C GLY A 788 -4.45 12.99 4.23
N THR A 789 -3.39 13.23 3.46
CA THR A 789 -2.58 12.21 2.79
C THR A 789 -1.10 12.52 3.04
N ILE A 790 -0.40 11.57 3.65
CA ILE A 790 0.97 11.78 4.05
C ILE A 790 1.98 11.56 2.93
N MET A 791 1.95 10.39 2.30
CA MET A 791 2.88 10.10 1.22
C MET A 791 2.27 10.55 -0.11
N ARG A 792 2.85 11.60 -0.69
CA ARG A 792 2.19 12.31 -1.79
C ARG A 792 2.91 12.18 -3.13
N GLY A 793 2.21 11.67 -4.14
CA GLY A 793 2.70 11.63 -5.51
C GLY A 793 2.77 13.04 -6.02
N LEU A 794 3.79 13.35 -6.82
CA LEU A 794 4.03 14.73 -7.24
C LEU A 794 2.82 15.39 -7.88
N VAL A 795 1.89 14.60 -8.42
CA VAL A 795 0.70 15.16 -9.06
C VAL A 795 -0.25 15.86 -8.08
N MET A 796 -0.18 15.50 -6.80
CA MET A 796 -1.02 16.13 -5.79
C MET A 796 -0.62 17.58 -5.60
N ASP A 797 0.68 17.82 -5.58
CA ASP A 797 1.18 19.16 -5.26
C ASP A 797 1.66 19.97 -6.48
N PHE A 798 1.87 19.29 -7.60
CA PHE A 798 2.28 19.89 -8.87
C PHE A 798 1.49 19.36 -10.05
N PRO A 799 0.15 19.43 -9.98
CA PRO A 799 -0.75 18.84 -10.97
C PRO A 799 -0.63 19.45 -12.38
N ASN A 800 -0.05 20.64 -12.49
CA ASN A 800 0.05 21.29 -13.80
C ASN A 800 1.36 20.96 -14.47
N ASP A 801 2.16 20.15 -13.79
CA ASP A 801 3.45 19.74 -14.30
C ASP A 801 3.37 18.30 -14.80
N ARG A 802 3.37 18.15 -16.13
CA ARG A 802 3.22 16.81 -16.71
C ARG A 802 4.43 15.94 -16.42
N LYS A 803 5.61 16.52 -16.57
CA LYS A 803 6.83 15.79 -16.30
C LYS A 803 6.76 15.16 -14.91
N ALA A 804 6.08 15.82 -13.98
CA ALA A 804 6.00 15.31 -12.62
C ALA A 804 5.07 14.10 -12.50
N TRP A 805 4.05 14.07 -13.35
CA TRP A 805 3.06 13.00 -13.32
C TRP A 805 3.69 11.61 -13.29
N ASP A 806 4.65 11.40 -14.18
CA ASP A 806 5.18 10.06 -14.46
C ASP A 806 6.26 9.61 -13.47
N ILE A 807 6.81 10.57 -12.73
CA ILE A 807 7.92 10.25 -11.83
C ILE A 807 7.58 9.17 -10.80
N ASN A 808 8.39 8.11 -10.78
CA ASN A 808 8.16 6.97 -9.90
C ASN A 808 9.23 6.76 -8.82
N THR A 809 10.09 7.75 -8.59
CA THR A 809 11.17 7.59 -7.61
C THR A 809 11.37 8.82 -6.72
N GLN A 810 10.42 9.74 -6.75
CA GLN A 810 10.40 10.87 -5.83
C GLN A 810 8.99 11.02 -5.26
N TYR A 811 8.83 11.87 -4.25
CA TYR A 811 7.50 12.19 -3.77
C TYR A 811 7.54 13.21 -2.65
N MET A 812 6.38 13.78 -2.34
CA MET A 812 6.27 14.73 -1.27
C MET A 812 5.91 14.03 0.04
N PHE A 813 6.65 14.34 1.09
CA PHE A 813 6.36 13.77 2.38
C PHE A 813 5.78 14.87 3.21
N GLY A 814 4.45 14.92 3.25
CA GLY A 814 3.80 16.12 3.73
C GLY A 814 4.09 17.22 2.72
N PRO A 815 3.75 18.45 3.07
CA PRO A 815 3.87 19.65 2.22
C PRO A 815 5.30 20.15 2.00
N ALA A 816 6.23 19.82 2.88
CA ALA A 816 7.55 20.47 2.83
C ALA A 816 8.61 19.68 2.10
N PHE A 817 8.67 18.38 2.36
CA PHE A 817 9.80 17.55 1.96
C PHE A 817 9.61 16.82 0.67
N LEU A 818 10.60 16.98 -0.20
CA LEU A 818 10.71 16.22 -1.44
C LEU A 818 11.71 15.08 -1.21
N VAL A 819 11.21 13.85 -1.06
CA VAL A 819 12.05 12.69 -0.73
C VAL A 819 12.49 12.01 -2.03
N ASN A 820 13.77 11.64 -2.09
CA ASN A 820 14.36 11.01 -3.28
C ASN A 820 15.28 9.82 -2.93
N PRO A 821 14.69 8.67 -2.58
CA PRO A 821 15.48 7.53 -2.11
C PRO A 821 16.52 7.09 -3.14
N VAL A 822 17.70 6.70 -2.65
CA VAL A 822 18.75 6.13 -3.49
C VAL A 822 18.51 4.62 -3.57
N TYR A 823 18.22 4.12 -4.77
CA TYR A 823 17.79 2.74 -4.98
C TYR A 823 18.79 1.87 -5.75
N GLU A 824 19.99 2.41 -6.01
CA GLU A 824 21.00 1.67 -6.77
C GLU A 824 22.24 1.40 -5.93
N TYR A 825 22.58 0.13 -5.74
CA TYR A 825 23.81 -0.24 -5.03
C TYR A 825 25.05 0.56 -5.52
N LYS A 826 25.77 1.16 -4.57
CA LYS A 826 27.03 1.86 -4.85
C LYS A 826 26.90 3.26 -5.49
N ALA A 827 25.66 3.64 -5.83
CA ALA A 827 25.38 5.00 -6.31
C ALA A 827 25.69 6.02 -5.23
N ARG A 828 26.29 7.14 -5.65
CA ARG A 828 26.71 8.19 -4.72
C ARG A 828 26.17 9.51 -5.19
N SER A 829 25.26 9.42 -6.14
CA SER A 829 24.42 10.54 -6.54
C SER A 829 23.20 9.98 -7.26
N ARG A 830 22.18 10.80 -7.44
CA ARG A 830 21.05 10.39 -8.29
C ARG A 830 20.45 11.60 -8.96
N ASP A 831 19.80 11.36 -10.10
CA ASP A 831 19.06 12.40 -10.79
C ASP A 831 17.85 12.72 -9.93
N VAL A 832 17.53 14.00 -9.79
CA VAL A 832 16.39 14.41 -9.01
C VAL A 832 15.67 15.56 -9.72
N TYR A 833 14.41 15.37 -10.07
CA TYR A 833 13.67 16.40 -10.78
C TYR A 833 13.06 17.42 -9.82
N LEU A 834 13.44 18.69 -9.93
CA LEU A 834 12.83 19.71 -9.10
C LEU A 834 11.61 20.26 -9.82
N PRO A 835 10.41 19.97 -9.29
CA PRO A 835 9.16 20.36 -9.97
C PRO A 835 9.13 21.86 -10.21
N ALA A 836 8.51 22.28 -11.32
CA ALA A 836 8.46 23.69 -11.70
C ALA A 836 7.48 24.50 -10.87
N GLY A 837 7.74 25.80 -10.72
CA GLY A 837 6.81 26.66 -10.02
C GLY A 837 7.14 26.86 -8.56
N SER A 838 8.18 26.19 -8.10
CA SER A 838 8.68 26.42 -6.76
C SER A 838 10.20 26.42 -6.77
N ASP A 839 10.78 27.20 -5.87
CA ASP A 839 12.21 27.07 -5.59
C ASP A 839 12.40 25.97 -4.54
N TRP A 840 13.64 25.53 -4.33
CA TRP A 840 13.88 24.43 -3.42
C TRP A 840 15.16 24.62 -2.60
N TYR A 841 15.14 24.19 -1.34
CA TYR A 841 16.34 24.21 -0.53
C TYR A 841 16.83 22.80 -0.32
N ASN A 842 18.13 22.64 -0.46
CA ASN A 842 18.80 21.44 -0.01
C ASN A 842 18.70 21.45 1.52
N PHE A 843 18.02 20.44 2.04
CA PHE A 843 17.67 20.40 3.44
C PHE A 843 18.91 20.44 4.32
N TYR A 844 20.00 19.85 3.82
CA TYR A 844 21.23 19.66 4.61
C TYR A 844 22.22 20.80 4.52
N THR A 845 22.21 21.53 3.41
CA THR A 845 23.24 22.54 3.16
C THR A 845 22.65 23.93 3.08
N GLY A 846 21.38 24.01 2.70
CA GLY A 846 20.70 25.29 2.64
C GLY A 846 20.80 25.95 1.28
N GLU A 847 21.51 25.33 0.36
CA GLU A 847 21.70 25.87 -1.00
C GLU A 847 20.32 25.93 -1.62
N LYS A 848 20.03 27.03 -2.29
CA LYS A 848 18.73 27.24 -2.91
C LYS A 848 18.79 27.13 -4.44
N LEU A 849 18.05 26.19 -4.98
CA LEU A 849 18.01 25.94 -6.41
C LEU A 849 16.63 26.35 -6.91
N ALA A 850 16.53 26.55 -8.22
CA ALA A 850 15.24 26.83 -8.83
C ALA A 850 14.69 25.54 -9.40
N GLY A 851 13.37 25.49 -9.52
CA GLY A 851 12.69 24.34 -10.11
C GLY A 851 12.60 24.44 -11.61
N GLY A 852 12.06 23.38 -12.21
CA GLY A 852 11.95 23.26 -13.66
C GLY A 852 13.10 22.47 -14.24
N GLN A 853 14.01 22.01 -13.38
CA GLN A 853 15.21 21.33 -13.86
C GLN A 853 15.45 19.98 -13.20
N THR A 854 16.23 19.14 -13.86
CA THR A 854 16.68 17.88 -13.27
C THR A 854 18.16 17.96 -12.93
N ILE A 855 18.45 18.00 -11.63
CA ILE A 855 19.84 18.09 -11.17
C ILE A 855 20.47 16.71 -10.93
N THR A 856 21.79 16.70 -10.80
CA THR A 856 22.47 15.51 -10.30
C THR A 856 22.77 15.78 -8.83
N ALA A 857 21.96 15.20 -7.96
CA ALA A 857 22.00 15.57 -6.56
C ALA A 857 23.01 14.75 -5.77
N ASP A 858 23.80 15.43 -4.96
CA ASP A 858 24.75 14.71 -4.13
C ASP A 858 24.03 13.69 -3.24
N ALA A 859 24.45 12.43 -3.31
CA ALA A 859 23.87 11.39 -2.47
C ALA A 859 24.91 10.45 -1.90
N PRO A 860 25.79 10.97 -1.03
CA PRO A 860 26.78 10.11 -0.39
C PRO A 860 26.03 9.03 0.37
N LEU A 861 26.72 7.98 0.80
CA LEU A 861 26.07 6.89 1.52
C LEU A 861 25.25 7.39 2.71
N ALA A 862 25.79 8.35 3.44
CA ALA A 862 25.15 8.78 4.68
C ALA A 862 23.87 9.60 4.51
N ARG A 863 23.58 10.08 3.31
CA ARG A 863 22.44 10.97 3.13
C ARG A 863 21.55 10.66 1.93
N VAL A 864 20.23 10.70 2.15
CA VAL A 864 19.29 10.63 1.03
C VAL A 864 18.92 12.04 0.58
N PRO A 865 19.00 12.29 -0.74
CA PRO A 865 18.68 13.60 -1.31
C PRO A 865 17.35 14.16 -0.79
N LEU A 866 17.38 15.27 -0.06
CA LEU A 866 16.16 15.85 0.47
C LEU A 866 16.09 17.32 0.12
N PHE A 867 14.92 17.77 -0.30
CA PHE A 867 14.76 19.18 -0.63
C PHE A 867 13.50 19.78 -0.04
N VAL A 868 13.60 20.99 0.46
CA VAL A 868 12.44 21.63 1.03
C VAL A 868 11.84 22.64 0.05
N LYS A 869 10.51 22.65 -0.01
CA LYS A 869 9.77 23.55 -0.88
C LYS A 869 9.80 24.97 -0.32
N ALA A 870 10.33 25.91 -1.08
CA ALA A 870 10.38 27.29 -0.63
C ALA A 870 8.98 27.72 -0.17
N GLY A 871 8.92 28.32 1.01
CA GLY A 871 7.66 28.69 1.62
C GLY A 871 7.19 27.73 2.70
N ALA A 872 7.95 26.65 2.90
CA ALA A 872 7.56 25.68 3.91
C ALA A 872 7.83 26.25 5.29
N ILE A 873 6.94 25.90 6.22
CA ILE A 873 7.17 26.16 7.62
C ILE A 873 7.23 24.78 8.26
N VAL A 874 8.38 24.47 8.84
CA VAL A 874 8.66 23.15 9.38
C VAL A 874 8.90 23.22 10.90
N PRO A 875 7.98 22.68 11.68
CA PRO A 875 8.29 22.72 13.11
C PRO A 875 9.08 21.48 13.53
N THR A 876 10.09 21.67 14.39
CA THR A 876 10.77 20.55 15.03
C THR A 876 10.73 20.70 16.56
N GLY A 877 10.97 19.60 17.27
CA GLY A 877 10.96 19.59 18.72
C GLY A 877 12.35 19.22 19.19
N PRO A 878 12.54 19.06 20.51
CA PRO A 878 13.83 18.64 21.04
C PRO A 878 14.05 17.19 20.69
N LEU A 879 15.26 16.67 20.92
CA LEU A 879 15.53 15.24 20.79
C LEU A 879 14.78 14.47 21.88
N ILE A 880 13.95 13.52 21.47
CA ILE A 880 13.19 12.67 22.38
C ILE A 880 13.43 11.21 22.04
N GLN A 881 13.13 10.30 22.95
CA GLN A 881 13.44 8.90 22.74
C GLN A 881 12.18 8.13 22.39
N HIS A 882 11.04 8.78 22.61
CA HIS A 882 9.73 8.19 22.33
C HIS A 882 8.70 9.31 22.38
N VAL A 883 7.60 9.17 21.64
CA VAL A 883 6.72 10.31 21.38
C VAL A 883 6.21 11.09 22.59
N ASP A 884 5.84 10.41 23.67
CA ASP A 884 5.26 11.14 24.81
C ASP A 884 6.25 12.10 25.45
N GLU A 885 7.53 11.77 25.40
CA GLU A 885 8.59 12.61 25.94
C GLU A 885 8.51 14.03 25.36
N GLY A 886 7.94 14.13 24.15
CA GLY A 886 7.94 15.37 23.40
C GLY A 886 6.61 16.08 23.43
N LEU A 887 5.73 15.64 24.32
CA LEU A 887 4.44 16.29 24.50
C LEU A 887 4.67 17.69 25.09
N ASN A 888 3.95 18.69 24.59
CA ASN A 888 4.05 20.02 25.16
C ASN A 888 5.47 20.55 25.02
N SER A 889 6.22 19.96 24.10
CA SER A 889 7.63 20.30 23.95
C SER A 889 7.85 21.69 23.37
N PRO A 890 9.07 22.22 23.54
CA PRO A 890 9.47 23.49 22.96
C PRO A 890 9.60 23.29 21.47
N LEU A 891 9.41 24.34 20.68
CA LEU A 891 9.43 24.23 19.22
C LEU A 891 10.50 25.10 18.55
N LEU A 892 11.14 24.55 17.52
CA LEU A 892 11.85 25.38 16.56
C LEU A 892 10.99 25.50 15.30
N ILE A 893 10.60 26.72 14.95
CA ILE A 893 9.89 26.96 13.71
C ILE A 893 10.88 27.41 12.67
N THR A 894 10.98 26.65 11.59
CA THR A 894 11.93 27.00 10.54
C THR A 894 11.18 27.39 9.26
N VAL A 895 11.41 28.63 8.83
CA VAL A 895 10.73 29.15 7.66
C VAL A 895 11.70 29.21 6.49
N TYR A 896 11.30 28.58 5.39
CA TYR A 896 12.09 28.53 4.17
C TYR A 896 11.58 29.61 3.24
N THR A 897 12.28 30.74 3.22
CA THR A 897 11.83 31.95 2.52
C THR A 897 11.85 31.82 1.00
N GLY A 898 11.26 32.81 0.32
CA GLY A 898 11.21 32.81 -1.14
C GLY A 898 9.79 32.60 -1.62
N ALA A 899 8.90 32.28 -0.69
CA ALA A 899 7.46 32.19 -0.99
C ALA A 899 6.62 32.27 0.30
N ASN A 900 5.33 32.51 0.16
CA ASN A 900 4.45 32.51 1.34
C ASN A 900 4.30 31.12 1.98
N GLY A 901 3.84 31.08 3.23
CA GLY A 901 3.78 29.80 3.90
C GLY A 901 2.63 29.66 4.89
N SER A 902 2.23 28.41 5.14
CA SER A 902 1.14 28.18 6.07
C SER A 902 1.20 26.78 6.67
N PHE A 903 1.27 26.72 7.99
CA PHE A 903 1.25 25.43 8.65
C PHE A 903 0.63 25.58 10.03
N ASP A 904 -0.38 24.76 10.29
CA ASP A 904 -1.03 24.76 11.58
C ASP A 904 -0.58 23.50 12.36
N ILE A 905 0.18 23.69 13.43
CA ILE A 905 0.66 22.55 14.22
C ILE A 905 -0.48 21.87 15.02
N TYR A 906 -0.73 20.60 14.71
CA TYR A 906 -1.76 19.86 15.38
C TYR A 906 -1.21 19.16 16.61
N GLU A 907 -1.85 19.36 17.74
CA GLU A 907 -1.41 18.71 18.97
C GLU A 907 -2.59 18.17 19.79
N ASP A 908 -2.39 17.01 20.39
CA ASP A 908 -3.36 16.43 21.31
C ASP A 908 -2.67 15.39 22.18
N ASP A 909 -3.46 14.65 22.96
CA ASP A 909 -2.83 13.78 23.97
C ASP A 909 -2.17 12.53 23.37
N GLY A 910 -2.50 12.21 22.12
CA GLY A 910 -1.83 11.17 21.37
C GLY A 910 -2.31 9.74 21.61
N ARG A 911 -3.21 9.56 22.56
CA ARG A 911 -3.54 8.21 22.97
C ARG A 911 -5.03 7.95 23.08
N SER A 912 -5.79 9.01 23.31
CA SER A 912 -7.19 8.92 23.73
C SER A 912 -8.17 9.19 22.60
N LEU A 913 -9.46 9.03 22.86
CA LEU A 913 -10.46 9.35 21.85
C LEU A 913 -11.02 10.75 22.06
N LYS A 914 -10.50 11.44 23.07
CA LYS A 914 -11.00 12.79 23.39
C LYS A 914 -10.88 13.73 22.19
N TYR A 915 -9.98 13.45 21.26
CA TYR A 915 -9.87 14.32 20.11
C TYR A 915 -11.20 14.40 19.37
N GLN A 916 -12.02 13.36 19.50
CA GLN A 916 -13.30 13.28 18.80
C GLN A 916 -14.37 14.19 19.40
N GLN A 917 -14.19 14.60 20.65
CA GLN A 917 -15.07 15.57 21.30
C GLN A 917 -14.43 16.94 21.28
N GLY A 918 -13.45 17.11 20.39
CA GLY A 918 -12.84 18.41 20.17
C GLY A 918 -11.66 18.73 21.06
N GLU A 919 -11.07 17.71 21.67
CA GLU A 919 -9.90 17.90 22.52
C GLU A 919 -8.61 17.84 21.72
N TRP A 920 -8.25 18.96 21.10
CA TRP A 920 -7.02 19.07 20.34
C TRP A 920 -6.77 20.53 20.13
N SER A 921 -5.61 20.85 19.59
CA SER A 921 -5.28 22.26 19.38
C SER A 921 -4.55 22.43 18.06
N ARG A 922 -4.65 23.63 17.50
CA ARG A 922 -3.80 24.03 16.40
C ARG A 922 -3.09 25.33 16.77
N ILE A 923 -1.82 25.40 16.44
CA ILE A 923 -1.05 26.61 16.56
C ILE A 923 -0.75 27.09 15.14
N PRO A 924 -1.49 28.11 14.69
CA PRO A 924 -1.42 28.42 13.26
C PRO A 924 -0.13 29.19 12.92
N LEU A 925 0.60 28.74 11.92
CA LEU A 925 1.78 29.47 11.44
C LEU A 925 1.52 30.01 10.02
N SER A 926 1.70 31.33 9.87
CA SER A 926 1.49 31.98 8.60
C SER A 926 2.68 32.88 8.25
N TYR A 927 3.20 32.72 7.04
CA TYR A 927 4.38 33.48 6.63
C TYR A 927 4.23 34.28 5.33
N ASP A 928 4.55 35.57 5.39
CA ASP A 928 4.45 36.46 4.24
C ASP A 928 5.85 36.79 3.78
N ASP A 929 6.22 36.36 2.59
CA ASP A 929 7.59 36.55 2.11
C ASP A 929 7.95 38.02 1.78
N VAL A 930 6.94 38.80 1.44
CA VAL A 930 7.18 40.19 1.06
C VAL A 930 7.52 41.07 2.25
N THR A 931 6.82 40.86 3.36
CA THR A 931 7.10 41.57 4.60
C THR A 931 8.18 40.84 5.44
N GLY A 932 8.44 39.58 5.10
CA GLY A 932 9.38 38.77 5.84
C GLY A 932 8.93 38.50 7.27
N THR A 933 7.62 38.40 7.47
CA THR A 933 7.07 38.24 8.81
C THR A 933 6.34 36.92 8.99
N LEU A 934 6.69 36.24 10.07
CA LEU A 934 5.99 35.05 10.51
C LEU A 934 5.02 35.39 11.65
N ILE A 935 3.74 35.17 11.38
CA ILE A 935 2.70 35.32 12.38
C ILE A 935 2.48 33.93 12.98
N ILE A 936 2.60 33.83 14.31
CA ILE A 936 2.21 32.62 15.03
C ILE A 936 0.88 32.96 15.66
N GLY A 937 -0.18 32.53 15.01
CA GLY A 937 -1.53 32.98 15.37
C GLY A 937 -2.08 32.52 16.70
N ASP A 938 -3.24 33.06 17.05
CA ASP A 938 -3.97 32.64 18.24
C ASP A 938 -4.18 31.14 18.21
N ARG A 939 -3.82 30.46 19.30
CA ARG A 939 -4.09 29.04 19.42
C ARG A 939 -5.59 28.74 19.35
N VAL A 940 -5.94 27.81 18.47
CA VAL A 940 -7.28 27.30 18.38
C VAL A 940 -7.38 25.99 19.12
N GLY A 941 -8.40 25.84 19.94
CA GLY A 941 -8.63 24.58 20.63
C GLY A 941 -7.89 24.42 21.94
N SER A 942 -8.16 23.31 22.60
CA SER A 942 -7.54 22.97 23.88
C SER A 942 -7.81 21.50 24.16
N PHE A 943 -6.86 20.83 24.81
CA PHE A 943 -7.03 19.43 25.16
C PHE A 943 -6.42 19.14 26.53
N THR A 944 -6.81 18.02 27.13
CA THR A 944 -6.45 17.74 28.52
C THR A 944 -4.96 17.42 28.72
N GLY A 945 -4.28 18.25 29.51
CA GLY A 945 -2.85 18.09 29.68
C GLY A 945 -2.03 18.92 28.70
N MET A 946 -2.69 19.83 27.99
CA MET A 946 -1.98 20.79 27.14
C MET A 946 -1.46 21.95 27.99
N ALA A 947 -0.19 22.30 27.79
CA ALA A 947 0.44 23.46 28.41
C ALA A 947 -0.04 24.77 27.76
N ASP A 948 -0.37 25.75 28.60
CA ASP A 948 -0.75 27.07 28.12
C ASP A 948 0.45 27.82 27.51
N GLU A 949 1.63 27.65 28.11
CA GLU A 949 2.82 28.38 27.68
C GLU A 949 3.76 27.48 26.91
N ARG A 950 4.41 28.03 25.90
CA ARG A 950 5.31 27.23 25.09
C ARG A 950 6.53 28.05 24.75
N ASN A 951 7.71 27.44 24.89
CA ASN A 951 8.93 28.09 24.46
C ASN A 951 9.08 27.78 22.98
N ILE A 952 8.96 28.80 22.14
CA ILE A 952 9.02 28.62 20.70
C ILE A 952 10.09 29.54 20.15
N ARG A 953 10.95 29.01 19.28
CA ARG A 953 11.93 29.87 18.65
C ARG A 953 11.86 29.80 17.13
N VAL A 954 12.09 30.93 16.48
CA VAL A 954 11.88 31.04 15.05
C VAL A 954 13.16 31.40 14.32
N ARG A 955 13.37 30.79 13.17
CA ARG A 955 14.52 31.09 12.35
C ARG A 955 14.12 31.05 10.86
N PHE A 956 14.91 31.71 10.02
CA PHE A 956 14.59 31.80 8.61
C PHE A 956 15.78 31.37 7.81
N ILE A 957 15.58 30.38 6.94
CA ILE A 957 16.61 29.93 6.01
C ILE A 957 16.41 30.58 4.65
N ALA A 958 17.46 31.19 4.12
CA ALA A 958 17.34 31.98 2.89
C ALA A 958 18.36 31.55 1.84
N GLY A 959 19.25 30.66 2.24
CA GLY A 959 20.30 30.13 1.40
C GLY A 959 21.19 29.37 2.35
N PRO A 960 22.42 29.03 1.91
CA PRO A 960 23.37 28.18 2.64
C PRO A 960 23.61 28.64 4.07
N THR A 961 23.61 27.65 4.97
CA THR A 961 23.87 27.83 6.39
C THR A 961 24.41 26.50 6.90
N ALA A 962 25.50 26.53 7.65
CA ALA A 962 26.09 25.31 8.19
C ALA A 962 25.21 24.69 9.28
N ASP A 963 24.23 25.46 9.74
CA ASP A 963 23.29 25.03 10.77
C ASP A 963 21.96 24.53 10.19
N ALA A 964 21.95 24.17 8.92
CA ALA A 964 20.71 23.77 8.26
C ALA A 964 19.95 22.66 9.00
N THR A 965 20.65 21.78 9.70
CA THR A 965 19.96 20.74 10.46
C THR A 965 20.40 20.67 11.93
N ASN A 966 21.10 21.70 12.39
CA ASN A 966 21.58 21.74 13.76
C ASN A 966 20.53 22.39 14.65
N PHE A 967 19.45 21.65 14.90
CA PHE A 967 18.25 22.23 15.50
C PHE A 967 18.47 22.84 16.85
N ASP A 968 19.29 22.22 17.67
CA ASP A 968 19.51 22.72 19.02
C ASP A 968 20.34 24.03 19.12
N LYS A 969 21.27 24.21 18.20
CA LYS A 969 22.24 25.29 18.32
C LYS A 969 22.03 26.45 17.31
N ALA A 970 21.06 26.28 16.42
CA ALA A 970 20.81 27.29 15.40
C ALA A 970 20.48 28.63 16.01
N ALA A 971 20.92 29.69 15.35
CA ALA A 971 20.52 31.03 15.75
C ALA A 971 19.01 31.18 15.50
N ALA A 972 18.28 31.41 16.59
CA ALA A 972 16.86 31.61 16.49
C ALA A 972 16.37 32.61 17.50
N GLU A 973 15.36 33.36 17.11
CA GLU A 973 14.73 34.34 17.96
C GLU A 973 13.66 33.66 18.83
N ALA A 974 13.78 33.81 20.14
CA ALA A 974 12.95 33.05 21.08
C ALA A 974 11.72 33.82 21.51
N VAL A 975 10.66 33.07 21.78
CA VAL A 975 9.36 33.64 22.09
C VAL A 975 8.71 32.87 23.23
N THR A 976 8.09 33.59 24.15
CA THR A 976 7.27 32.92 25.14
C THR A 976 5.81 33.08 24.76
N TYR A 977 5.31 32.05 24.07
CA TYR A 977 3.99 32.02 23.49
C TYR A 977 2.95 31.52 24.49
N THR A 978 1.83 32.23 24.59
CA THR A 978 0.80 31.92 25.59
C THR A 978 -0.56 31.67 24.95
N GLY A 979 -0.56 31.33 23.67
CA GLY A 979 -1.79 31.13 22.94
C GLY A 979 -2.21 32.40 22.23
N LYS A 980 -1.57 33.52 22.54
CA LYS A 980 -1.88 34.79 21.87
C LYS A 980 -0.95 35.07 20.69
N SER A 981 -1.52 35.61 19.62
CA SER A 981 -0.79 35.88 18.39
C SER A 981 0.40 36.82 18.60
N VAL A 982 1.53 36.42 18.05
CA VAL A 982 2.79 37.17 18.14
C VAL A 982 3.47 37.15 16.76
N SER A 983 4.20 38.20 16.41
CA SER A 983 4.85 38.28 15.10
C SER A 983 6.36 38.35 15.23
N ILE A 984 7.06 37.69 14.32
CA ILE A 984 8.52 37.69 14.34
C ILE A 984 9.03 38.12 12.98
N LYS A 985 9.69 39.28 12.91
CA LYS A 985 10.25 39.75 11.65
C LYS A 985 11.52 38.97 11.32
N ARG A 986 11.71 38.73 10.03
CA ARG A 986 12.91 38.16 9.48
C ARG A 986 14.07 39.15 9.62
N PRO A 987 15.29 38.66 9.82
CA PRO A 987 16.50 39.48 9.99
C PRO A 987 16.83 40.34 8.76
N ARG A 988 17.40 41.52 8.98
CA ARG A 988 17.68 42.48 7.91
C ARG A 988 18.80 42.04 6.96
N LYS A 989 18.50 42.02 5.67
CA LYS A 989 19.48 41.72 4.63
C LYS A 989 20.34 40.51 4.99
CL CL B . 11.91 10.37 29.31
CL CL C . 10.41 8.23 30.17
CL CL D . 12.93 6.75 28.86
CL CL E . 13.56 9.05 27.77
C1 EDO F . 5.94 -19.88 5.37
O1 EDO F . 4.97 -20.38 4.43
C2 EDO F . 7.31 -20.51 5.16
O2 EDO F . 8.24 -20.02 6.14
S SO4 G . -26.36 -15.10 -3.53
O1 SO4 G . -27.36 -14.84 -4.56
O2 SO4 G . -25.31 -14.09 -3.65
O3 SO4 G . -26.99 -15.05 -2.20
O4 SO4 G . -25.77 -16.42 -3.72
C1 EDO H . -33.13 19.30 -3.60
O1 EDO H . -32.91 18.49 -2.42
C2 EDO H . -33.52 20.74 -3.21
O2 EDO H . -33.32 21.70 -4.28
C1 EDO I . 8.53 -20.09 11.10
O1 EDO I . 8.71 -19.88 12.51
C2 EDO I . 9.82 -20.63 10.45
O2 EDO I . 9.69 -20.58 9.01
NI NI J . 11.39 8.38 28.22
NI NI K . 0.61 -0.89 30.96
#